data_5ON9
#
_entry.id   5ON9
#
_cell.length_a   86.900
_cell.length_b   94.100
_cell.length_c   124.700
_cell.angle_alpha   90.00
_cell.angle_beta   90.00
_cell.angle_gamma   90.00
#
_symmetry.space_group_name_H-M   'P 21 21 21'
#
loop_
_entity.id
_entity.type
_entity.pdbx_description
1 polymer 'Nickel-binding periplasmic protein'
2 non-polymer 'FE (III) ION'
3 non-polymer '2-[2-[2-hydroxy-2-oxoethyl-[(3-methoxy-2-oxidanyl-phenyl)methyl]amino]ethyl-[(2-methylsulfanylphenyl)methyl]amino]ethanoic acid'
4 non-polymer 2,3-DIHYDROXY-1,4-DITHIOBUTANE
5 non-polymer GLYCEROL
6 non-polymer 'CHLORIDE ION'
7 non-polymer 'ACETATE ION'
8 water water
#
_entity_poly.entity_id   1
_entity_poly.type   'polypeptide(L)'
_entity_poly.pdbx_seq_one_letter_code
;AAPDEITTAWPVNVGPLNPHLYTPNQMFAQSMVYEPLVKYQADGSVIPWLAKSWTHSEDGKTWTFTLRDDVKFSNGEPFD
AEAAAENFRAVLDNRQRHAWLELANQIVDVKALSKTELQITLKSAYYPFLQELALPRPFRFIAPSQFKNHETMNGIKAPI
GTGPWILQESKLNQYDVFVRNENYWGEKPAIKKITFNVIPDPTTRAVAFETGDIDLLYGNEGLLPLDTFARFSQNPAYHT
QLSQPIETVMLALNTAKAPTNELAVREALNYAVNKKSLIDNALYGTQQVADTLFAPSVPYANLGLKPSQYDPQKAKALLE
KAGWTLPAGKDIREKNGQPLRIELSFIGTDALSKSMAEIIQADMRQIGADVSLIGEEESSIYARQRDGRFGMIFHRTWGA
PYDPHAFLSSMRVPSHADFQAQQGLADKPLIDKEIGEVLATHDETQRQALYRDILTRLHDEAVYLPISYISMMVVSKPEL
GNIPYAPIATEIPFEQIKPVKP
;
_entity_poly.pdbx_strand_id   A,B
#
loop_
_chem_comp.id
_chem_comp.type
_chem_comp.name
_chem_comp.formula
9YH non-polymer '2-[2-[2-hydroxy-2-oxoethyl-[(3-methoxy-2-oxidanyl-phenyl)methyl]amino]ethyl-[(2-methylsulfanylphenyl)methyl]amino]ethanoic acid' 'C22 H28 N2 O6 S'
ACT non-polymer 'ACETATE ION' 'C2 H3 O2 -1'
CL non-polymer 'CHLORIDE ION' 'Cl -1'
DTT non-polymer 2,3-DIHYDROXY-1,4-DITHIOBUTANE 'C4 H10 O2 S2'
FE non-polymer 'FE (III) ION' 'Fe 3'
GOL non-polymer GLYCEROL 'C3 H8 O3'
#
# COMPACT_ATOMS: atom_id res chain seq x y z
N ALA A 2 21.11 -12.88 22.32
CA ALA A 2 19.71 -13.32 22.30
C ALA A 2 19.04 -12.97 20.97
N PRO A 3 19.18 -13.86 19.97
CA PRO A 3 18.69 -13.62 18.61
C PRO A 3 17.16 -13.55 18.50
N ASP A 4 16.45 -14.22 19.41
CA ASP A 4 15.00 -14.23 19.37
C ASP A 4 14.42 -13.29 20.42
N GLU A 5 15.23 -12.35 20.88
CA GLU A 5 14.78 -11.30 21.78
C GLU A 5 15.13 -9.97 21.15
N ILE A 6 14.18 -9.04 21.15
CA ILE A 6 14.49 -7.70 20.66
C ILE A 6 14.09 -6.60 21.65
N THR A 7 14.72 -5.43 21.48
N THR A 7 14.75 -5.45 21.53
CA THR A 7 14.43 -4.28 22.31
CA THR A 7 14.42 -4.28 22.31
C THR A 7 14.04 -3.13 21.40
C THR A 7 14.03 -3.15 21.39
N THR A 8 12.93 -2.47 21.72
CA THR A 8 12.46 -1.36 20.93
C THR A 8 12.08 -0.20 21.85
N ALA A 9 11.33 0.77 21.35
CA ALA A 9 11.02 1.92 22.16
C ALA A 9 9.63 2.46 21.85
N TRP A 10 9.04 3.14 22.84
CA TRP A 10 7.76 3.82 22.67
C TRP A 10 7.77 5.06 23.56
N PRO A 11 7.07 6.14 23.14
CA PRO A 11 7.17 7.38 23.92
C PRO A 11 6.58 7.27 25.32
N VAL A 12 5.66 6.32 25.52
CA VAL A 12 5.04 6.08 26.82
C VAL A 12 4.92 4.58 27.08
N ASN A 13 4.54 4.21 28.30
CA ASN A 13 4.22 2.82 28.61
C ASN A 13 3.03 2.33 27.82
N VAL A 14 2.87 1.02 27.75
CA VAL A 14 1.77 0.45 26.97
C VAL A 14 0.44 0.66 27.69
N GLY A 15 0.53 0.86 29.00
CA GLY A 15 -0.64 1.06 29.83
C GLY A 15 -1.03 -0.23 30.53
N PRO A 16 -2.18 -0.22 31.22
CA PRO A 16 -2.60 -1.43 31.94
C PRO A 16 -3.11 -2.54 31.02
N LEU A 17 -3.33 -2.23 29.74
CA LEU A 17 -3.83 -3.18 28.75
C LEU A 17 -5.24 -3.67 29.10
N ASN A 18 -6.08 -2.72 29.47
CA ASN A 18 -7.51 -2.95 29.47
C ASN A 18 -7.96 -2.97 28.01
N PRO A 19 -8.54 -4.09 27.55
CA PRO A 19 -8.91 -4.19 26.13
C PRO A 19 -10.02 -3.22 25.73
N HIS A 20 -10.72 -2.68 26.71
CA HIS A 20 -11.96 -1.97 26.43
C HIS A 20 -11.87 -0.46 26.65
N LEU A 21 -10.71 0.00 27.09
CA LEU A 21 -10.54 1.41 27.42
C LEU A 21 -9.48 2.03 26.52
N TYR A 22 -9.28 3.35 26.66
CA TYR A 22 -8.43 4.08 25.73
C TYR A 22 -7.19 4.56 26.46
N THR A 23 -6.73 5.76 26.17
N THR A 23 -6.74 5.78 26.17
CA THR A 23 -5.55 6.33 26.84
CA THR A 23 -5.62 6.41 26.88
C THR A 23 -5.68 6.18 28.36
C THR A 23 -5.72 6.16 28.40
N PRO A 24 -4.61 5.76 29.04
CA PRO A 24 -3.24 5.56 28.53
C PRO A 24 -2.94 4.23 27.86
N ASN A 25 -3.93 3.39 27.62
CA ASN A 25 -3.68 2.17 26.84
C ASN A 25 -3.19 2.49 25.44
N GLN A 26 -2.15 1.78 25.00
CA GLN A 26 -1.64 1.94 23.64
C GLN A 26 -2.20 0.85 22.73
N MET A 27 -2.79 1.25 21.61
CA MET A 27 -3.51 0.33 20.74
C MET A 27 -2.65 -0.82 20.21
N PHE A 28 -1.41 -0.54 19.81
CA PHE A 28 -0.58 -1.61 19.25
C PHE A 28 -0.37 -2.71 20.29
N ALA A 29 -0.32 -2.32 21.57
CA ALA A 29 -0.07 -3.27 22.64
C ALA A 29 -1.33 -4.05 23.00
N GLN A 30 -2.47 -3.37 22.96
CA GLN A 30 -3.75 -4.05 23.12
C GLN A 30 -3.90 -5.10 22.01
N SER A 31 -3.45 -4.77 20.81
CA SER A 31 -3.56 -5.71 19.70
C SER A 31 -2.55 -6.85 19.79
N MET A 32 -1.51 -6.69 20.60
CA MET A 32 -0.55 -7.77 20.79
C MET A 32 -1.12 -8.89 21.67
N VAL A 33 -1.98 -8.49 22.61
CA VAL A 33 -2.48 -9.39 23.64
C VAL A 33 -3.89 -9.86 23.35
N TYR A 34 -4.72 -8.96 22.83
CA TYR A 34 -6.14 -9.25 22.60
C TYR A 34 -6.47 -9.42 21.12
N GLU A 35 -7.47 -10.25 20.83
CA GLU A 35 -7.80 -10.59 19.45
C GLU A 35 -9.26 -10.34 19.13
N PRO A 36 -9.58 -10.14 17.85
CA PRO A 36 -10.95 -9.88 17.39
C PRO A 36 -11.65 -11.14 16.86
N LEU A 37 -12.96 -11.06 16.67
CA LEU A 37 -13.70 -12.15 16.05
C LEU A 37 -13.24 -12.37 14.61
N VAL A 38 -13.03 -11.25 13.91
CA VAL A 38 -12.60 -11.27 12.51
C VAL A 38 -11.38 -10.36 12.35
N LYS A 39 -10.48 -10.72 11.45
CA LYS A 39 -9.23 -9.97 11.32
C LYS A 39 -9.15 -9.17 10.02
N TYR A 40 -8.74 -7.90 10.12
CA TYR A 40 -8.71 -7.01 8.96
C TYR A 40 -7.54 -7.34 8.02
N GLN A 41 -7.81 -7.24 6.73
CA GLN A 41 -6.83 -7.55 5.69
C GLN A 41 -6.53 -6.31 4.87
N ALA A 42 -5.36 -6.27 4.26
CA ALA A 42 -4.92 -5.09 3.53
C ALA A 42 -5.86 -4.75 2.38
N ASP A 43 -6.54 -5.75 1.83
CA ASP A 43 -7.45 -5.50 0.72
C ASP A 43 -8.82 -4.96 1.17
N GLY A 44 -8.98 -4.76 2.47
CA GLY A 44 -10.19 -4.13 2.99
C GLY A 44 -11.21 -5.12 3.54
N SER A 45 -11.01 -6.40 3.26
CA SER A 45 -11.90 -7.43 3.76
C SER A 45 -11.51 -7.84 5.17
N VAL A 46 -12.31 -8.70 5.78
CA VAL A 46 -11.89 -9.37 7.01
C VAL A 46 -11.83 -10.87 6.74
N ILE A 47 -10.98 -11.57 7.49
CA ILE A 47 -10.95 -13.03 7.45
C ILE A 47 -11.46 -13.59 8.77
N PRO A 48 -11.86 -14.88 8.78
CA PRO A 48 -12.19 -15.51 10.06
C PRO A 48 -11.00 -15.48 11.03
N TRP A 49 -11.29 -15.28 12.31
CA TRP A 49 -10.23 -15.30 13.31
C TRP A 49 -10.70 -16.08 14.52
N LEU A 50 -11.10 -15.40 15.59
CA LEU A 50 -11.69 -16.12 16.73
C LEU A 50 -13.04 -16.72 16.33
N ALA A 51 -13.73 -16.07 15.40
CA ALA A 51 -14.89 -16.65 14.74
C ALA A 51 -14.44 -17.35 13.46
N LYS A 52 -14.84 -18.60 13.28
CA LYS A 52 -14.40 -19.30 12.08
C LYS A 52 -15.37 -19.12 10.92
N SER A 53 -16.61 -18.75 11.22
CA SER A 53 -17.59 -18.41 10.19
C SER A 53 -18.73 -17.59 10.77
N TRP A 54 -19.59 -17.07 9.89
CA TRP A 54 -20.75 -16.30 10.34
C TRP A 54 -21.84 -16.21 9.27
N THR A 55 -23.06 -15.94 9.73
CA THR A 55 -24.19 -15.69 8.84
C THR A 55 -24.93 -14.45 9.33
N HIS A 56 -25.79 -13.90 8.47
CA HIS A 56 -26.63 -12.81 8.90
C HIS A 56 -28.03 -12.90 8.31
N SER A 57 -28.99 -12.36 9.04
CA SER A 57 -30.37 -12.28 8.59
C SER A 57 -30.49 -11.52 7.27
N GLU A 58 -31.63 -11.67 6.60
CA GLU A 58 -31.85 -11.01 5.33
C GLU A 58 -31.87 -9.50 5.46
N ASP A 59 -32.41 -9.00 6.58
CA ASP A 59 -32.47 -7.57 6.81
C ASP A 59 -31.12 -7.01 7.27
N GLY A 60 -30.16 -7.90 7.49
CA GLY A 60 -28.81 -7.51 7.84
C GLY A 60 -28.63 -7.01 9.25
N LYS A 61 -29.63 -7.26 10.11
CA LYS A 61 -29.60 -6.74 11.47
C LYS A 61 -29.21 -7.79 12.50
N THR A 62 -29.31 -9.07 12.13
CA THR A 62 -29.01 -10.15 13.05
C THR A 62 -27.85 -11.00 12.53
N TRP A 63 -26.78 -11.08 13.30
CA TRP A 63 -25.59 -11.83 12.90
C TRP A 63 -25.28 -12.96 13.86
N THR A 64 -24.95 -14.12 13.32
CA THR A 64 -24.58 -15.26 14.16
C THR A 64 -23.19 -15.77 13.80
N PHE A 65 -22.29 -15.75 14.78
CA PHE A 65 -20.91 -16.17 14.58
C PHE A 65 -20.67 -17.56 15.14
N THR A 66 -19.98 -18.39 14.35
CA THR A 66 -19.58 -19.70 14.82
C THR A 66 -18.12 -19.61 15.25
N LEU A 67 -17.87 -19.75 16.56
CA LEU A 67 -16.53 -19.54 17.09
C LEU A 67 -15.66 -20.78 17.02
N ARG A 68 -14.35 -20.58 16.95
CA ARG A 68 -13.38 -21.66 17.15
C ARG A 68 -13.63 -22.34 18.48
N ASP A 69 -13.30 -23.62 18.59
CA ASP A 69 -13.52 -24.34 19.84
C ASP A 69 -12.21 -24.79 20.46
N ASP A 70 -11.09 -24.30 19.93
CA ASP A 70 -9.78 -24.76 20.38
C ASP A 70 -8.95 -23.63 20.98
N VAL A 71 -9.58 -22.52 21.33
CA VAL A 71 -8.84 -21.34 21.78
C VAL A 71 -8.90 -21.17 23.30
N LYS A 72 -7.73 -21.00 23.92
CA LYS A 72 -7.66 -20.69 25.34
C LYS A 72 -7.04 -19.32 25.56
N PHE A 73 -7.49 -18.64 26.60
CA PHE A 73 -6.80 -17.46 27.11
C PHE A 73 -5.45 -17.91 27.64
N SER A 74 -4.52 -16.97 27.76
CA SER A 74 -3.15 -17.31 28.15
C SER A 74 -3.06 -17.96 29.54
N ASN A 75 -4.12 -17.79 30.35
CA ASN A 75 -4.17 -18.36 31.69
C ASN A 75 -4.86 -19.73 31.73
N GLY A 76 -5.15 -20.29 30.55
CA GLY A 76 -5.69 -21.63 30.45
C GLY A 76 -7.20 -21.70 30.40
N GLU A 77 -7.86 -20.60 30.71
CA GLU A 77 -9.32 -20.57 30.69
C GLU A 77 -9.81 -20.55 29.25
N PRO A 78 -10.98 -21.17 29.00
CA PRO A 78 -11.48 -21.32 27.64
C PRO A 78 -12.02 -20.03 27.03
N PHE A 79 -11.77 -19.83 25.75
CA PHE A 79 -12.48 -18.83 24.98
C PHE A 79 -13.70 -19.51 24.37
N ASP A 80 -14.89 -19.03 24.69
CA ASP A 80 -16.10 -19.55 24.12
C ASP A 80 -17.10 -18.41 23.93
N ALA A 81 -18.30 -18.74 23.44
CA ALA A 81 -19.27 -17.70 23.16
C ALA A 81 -19.69 -16.98 24.43
N GLU A 82 -19.69 -17.69 25.57
CA GLU A 82 -20.04 -17.06 26.84
C GLU A 82 -19.06 -15.95 27.19
N ALA A 83 -17.77 -16.28 27.08
CA ALA A 83 -16.72 -15.30 27.36
C ALA A 83 -16.83 -14.12 26.40
N ALA A 84 -17.08 -14.40 25.12
CA ALA A 84 -17.22 -13.34 24.13
C ALA A 84 -18.41 -12.43 24.47
N ALA A 85 -19.53 -13.05 24.80
CA ALA A 85 -20.74 -12.29 25.12
C ALA A 85 -20.54 -11.40 26.35
N GLU A 86 -19.82 -11.92 27.34
CA GLU A 86 -19.57 -11.15 28.55
C GLU A 86 -18.68 -9.95 28.25
N ASN A 87 -17.76 -10.12 27.31
CA ASN A 87 -16.91 -9.01 26.88
C ASN A 87 -17.74 -7.91 26.21
N PHE A 88 -18.64 -8.29 25.31
CA PHE A 88 -19.48 -7.29 24.66
C PHE A 88 -20.33 -6.52 25.67
N ARG A 89 -20.86 -7.23 26.67
CA ARG A 89 -21.62 -6.58 27.73
C ARG A 89 -20.74 -5.59 28.48
N ALA A 90 -19.54 -6.02 28.83
CA ALA A 90 -18.62 -5.18 29.58
C ALA A 90 -18.30 -3.90 28.82
N VAL A 91 -18.13 -4.02 27.51
CA VAL A 91 -17.87 -2.86 26.67
C VAL A 91 -19.08 -1.91 26.62
N LEU A 92 -20.27 -2.47 26.40
CA LEU A 92 -21.44 -1.64 26.18
C LEU A 92 -22.04 -1.12 27.48
N ASP A 93 -21.57 -1.64 28.61
CA ASP A 93 -21.92 -1.07 29.90
C ASP A 93 -21.26 0.30 30.02
N ASN A 94 -20.26 0.55 29.17
CA ASN A 94 -19.56 1.82 29.13
C ASN A 94 -19.85 2.54 27.82
N ARG A 95 -21.06 2.35 27.31
CA ARG A 95 -21.44 2.76 25.96
C ARG A 95 -21.14 4.23 25.65
N GLN A 96 -21.35 5.11 26.63
CA GLN A 96 -21.15 6.54 26.44
C GLN A 96 -19.72 6.86 26.02
N ARG A 97 -18.77 6.06 26.46
CA ARG A 97 -17.37 6.30 26.16
C ARG A 97 -17.02 5.90 24.72
N HIS A 98 -17.92 5.19 24.05
CA HIS A 98 -17.64 4.70 22.70
C HIS A 98 -18.48 5.39 21.63
N ALA A 99 -18.99 6.58 21.94
CA ALA A 99 -19.91 7.29 21.05
C ALA A 99 -19.32 7.51 19.67
N TRP A 100 -18.00 7.70 19.62
CA TRP A 100 -17.29 7.96 18.37
C TRP A 100 -17.40 6.78 17.40
N LEU A 101 -17.61 5.58 17.96
CA LEU A 101 -17.67 4.36 17.17
C LEU A 101 -19.11 3.90 17.01
N GLU A 102 -19.66 4.05 15.81
CA GLU A 102 -21.09 3.91 15.64
C GLU A 102 -21.58 2.48 15.93
N LEU A 103 -20.72 1.48 15.79
CA LEU A 103 -21.12 0.11 16.13
C LEU A 103 -21.56 0.01 17.59
N ALA A 104 -20.95 0.80 18.46
CA ALA A 104 -21.28 0.76 19.88
C ALA A 104 -22.66 1.35 20.17
N ASN A 105 -23.18 2.11 19.21
CA ASN A 105 -24.54 2.64 19.32
C ASN A 105 -25.51 1.75 18.57
N GLN A 106 -24.97 0.88 17.73
CA GLN A 106 -25.79 0.02 16.88
C GLN A 106 -26.12 -1.34 17.51
N ILE A 107 -25.23 -1.85 18.35
CA ILE A 107 -25.47 -3.17 18.94
C ILE A 107 -26.60 -3.10 19.96
N VAL A 108 -27.64 -3.87 19.73
CA VAL A 108 -28.78 -3.86 20.64
C VAL A 108 -28.72 -5.04 21.61
N ASP A 109 -28.16 -6.17 21.14
CA ASP A 109 -28.02 -7.33 22.01
C ASP A 109 -26.91 -8.27 21.55
N VAL A 110 -26.21 -8.86 22.52
CA VAL A 110 -25.26 -9.92 22.24
C VAL A 110 -25.50 -11.07 23.19
N LYS A 111 -25.76 -12.27 22.66
CA LYS A 111 -25.92 -13.41 23.55
C LYS A 111 -25.28 -14.67 22.98
N ALA A 112 -24.80 -15.52 23.89
CA ALA A 112 -24.26 -16.82 23.51
C ALA A 112 -25.40 -17.80 23.37
N LEU A 113 -25.55 -18.36 22.17
CA LEU A 113 -26.60 -19.35 21.91
C LEU A 113 -26.15 -20.73 22.34
N SER A 114 -24.84 -20.96 22.27
CA SER A 114 -24.21 -22.19 22.71
C SER A 114 -22.78 -21.85 23.04
N LYS A 115 -21.94 -22.86 23.29
CA LYS A 115 -20.52 -22.61 23.53
C LYS A 115 -19.82 -22.09 22.28
N THR A 116 -20.41 -22.35 21.11
CA THR A 116 -19.76 -22.00 19.85
C THR A 116 -20.56 -21.01 19.01
N GLU A 117 -21.80 -20.73 19.41
CA GLU A 117 -22.64 -19.83 18.62
C GLU A 117 -22.85 -18.50 19.34
N LEU A 118 -22.45 -17.42 18.69
CA LEU A 118 -22.58 -16.07 19.25
C LEU A 118 -23.44 -15.20 18.35
N GLN A 119 -24.54 -14.68 18.89
CA GLN A 119 -25.48 -13.89 18.12
C GLN A 119 -25.42 -12.41 18.47
N ILE A 120 -25.26 -11.56 17.46
CA ILE A 120 -25.24 -10.12 17.65
C ILE A 120 -26.36 -9.45 16.85
N THR A 121 -27.16 -8.64 17.52
CA THR A 121 -28.27 -7.95 16.86
C THR A 121 -28.05 -6.44 16.83
N LEU A 122 -28.33 -5.84 15.68
CA LEU A 122 -28.06 -4.42 15.46
C LEU A 122 -29.35 -3.60 15.32
N LYS A 123 -29.25 -2.30 15.60
CA LYS A 123 -30.35 -1.35 15.40
C LYS A 123 -30.72 -1.26 13.94
N SER A 124 -29.70 -1.23 13.08
CA SER A 124 -29.89 -1.15 11.65
C SER A 124 -28.85 -2.00 10.94
N ALA A 125 -29.06 -2.24 9.66
CA ALA A 125 -28.02 -2.86 8.85
C ALA A 125 -26.82 -1.91 8.79
N TYR A 126 -25.78 -2.22 9.54
CA TYR A 126 -24.61 -1.35 9.67
C TYR A 126 -23.46 -1.89 8.82
N TYR A 127 -23.19 -1.24 7.70
CA TYR A 127 -22.29 -1.84 6.72
C TYR A 127 -20.84 -2.00 7.23
N PRO A 128 -20.34 -1.09 8.09
CA PRO A 128 -18.96 -1.35 8.53
C PRO A 128 -18.86 -2.30 9.73
N PHE A 129 -19.91 -3.07 10.00
CA PHE A 129 -19.97 -3.98 11.15
C PHE A 129 -18.70 -4.81 11.36
N LEU A 130 -18.33 -5.60 10.36
CA LEU A 130 -17.19 -6.50 10.49
C LEU A 130 -15.86 -5.76 10.67
N GLN A 131 -15.67 -4.68 9.92
CA GLN A 131 -14.42 -3.93 10.04
C GLN A 131 -14.26 -3.30 11.42
N GLU A 132 -15.37 -2.92 12.05
CA GLU A 132 -15.26 -2.30 13.38
C GLU A 132 -15.06 -3.37 14.45
N LEU A 133 -15.58 -4.57 14.22
CA LEU A 133 -15.23 -5.71 15.06
C LEU A 133 -13.74 -6.02 14.99
N ALA A 134 -13.09 -5.65 13.89
CA ALA A 134 -11.68 -5.99 13.68
C ALA A 134 -10.73 -4.98 14.31
N LEU A 135 -11.25 -3.86 14.81
CA LEU A 135 -10.40 -2.79 15.34
C LEU A 135 -9.62 -3.27 16.57
N PRO A 136 -8.48 -2.62 16.86
CA PRO A 136 -7.70 -2.93 18.07
C PRO A 136 -8.54 -2.89 19.34
N ARG A 137 -9.47 -1.95 19.41
CA ARG A 137 -10.33 -1.77 20.57
C ARG A 137 -11.63 -1.11 20.10
N PRO A 138 -12.73 -1.29 20.83
CA PRO A 138 -12.86 -2.00 22.11
C PRO A 138 -13.36 -3.43 22.03
N PHE A 139 -13.67 -3.97 20.85
CA PHE A 139 -14.34 -5.26 20.80
C PHE A 139 -13.39 -6.46 20.71
N ARG A 140 -12.44 -6.51 21.63
CA ARG A 140 -11.57 -7.67 21.77
C ARG A 140 -11.68 -8.24 23.17
N PHE A 141 -11.08 -9.40 23.40
CA PHE A 141 -11.57 -10.26 24.49
C PHE A 141 -10.56 -10.58 25.58
N ILE A 142 -10.90 -10.17 26.80
CA ILE A 142 -10.14 -10.50 27.99
C ILE A 142 -10.85 -11.63 28.72
N ALA A 143 -10.10 -12.49 29.41
CA ALA A 143 -10.71 -13.54 30.22
C ALA A 143 -11.66 -12.93 31.25
N PRO A 144 -12.94 -13.36 31.24
CA PRO A 144 -13.94 -12.80 32.15
C PRO A 144 -13.58 -12.93 33.62
N SER A 145 -12.72 -13.89 33.97
CA SER A 145 -12.24 -14.00 35.35
C SER A 145 -11.46 -12.77 35.79
N GLN A 146 -10.99 -11.98 34.83
CA GLN A 146 -10.14 -10.83 35.12
C GLN A 146 -10.94 -9.53 35.15
N PHE A 147 -12.26 -9.63 34.96
CA PHE A 147 -13.16 -8.50 35.21
C PHE A 147 -13.04 -8.08 36.67
N LYS A 148 -13.30 -6.80 36.96
CA LYS A 148 -13.47 -6.37 38.35
C LYS A 148 -14.95 -6.19 38.63
N ASN A 149 -15.45 -6.93 39.62
CA ASN A 149 -16.88 -7.02 39.90
CA ASN A 149 -16.88 -7.15 39.89
C ASN A 149 -17.73 -7.09 38.62
N HIS A 150 -17.39 -8.05 37.75
CA HIS A 150 -18.13 -8.33 36.52
C HIS A 150 -18.18 -7.18 35.52
N GLU A 151 -17.18 -6.28 35.59
CA GLU A 151 -17.04 -5.19 34.64
CA GLU A 151 -17.05 -5.20 34.63
C GLU A 151 -15.59 -5.00 34.22
N THR A 152 -15.37 -4.18 33.19
CA THR A 152 -14.01 -3.77 32.81
C THR A 152 -13.87 -2.25 32.82
N MET A 153 -14.99 -1.53 32.84
CA MET A 153 -14.94 -0.08 32.70
C MET A 153 -14.33 0.58 33.95
N ASN A 154 -14.33 -0.15 35.05
CA ASN A 154 -13.71 0.32 36.28
C ASN A 154 -12.35 -0.34 36.55
N GLY A 155 -11.81 -1.01 35.54
CA GLY A 155 -10.52 -1.64 35.67
C GLY A 155 -10.55 -3.14 35.50
N ILE A 156 -9.38 -3.73 35.26
CA ILE A 156 -9.27 -5.18 35.15
C ILE A 156 -8.22 -5.70 36.13
N LYS A 157 -8.14 -7.01 36.25
CA LYS A 157 -7.11 -7.63 37.08
C LYS A 157 -5.88 -7.87 36.20
N ALA A 158 -5.61 -9.12 35.83
CA ALA A 158 -4.50 -9.38 34.90
C ALA A 158 -4.98 -9.21 33.46
N PRO A 159 -4.12 -8.64 32.60
CA PRO A 159 -4.50 -8.41 31.20
C PRO A 159 -4.41 -9.68 30.36
N ILE A 160 -5.35 -10.59 30.57
CA ILE A 160 -5.27 -11.92 29.97
C ILE A 160 -6.05 -12.02 28.67
N GLY A 161 -5.32 -12.16 27.56
CA GLY A 161 -5.95 -12.27 26.26
C GLY A 161 -5.71 -13.64 25.64
N THR A 162 -6.12 -13.79 24.37
CA THR A 162 -5.87 -15.02 23.61
C THR A 162 -4.71 -14.88 22.62
N GLY A 163 -4.13 -13.68 22.58
CA GLY A 163 -3.16 -13.34 21.54
C GLY A 163 -1.77 -13.97 21.65
N PRO A 164 -0.94 -13.71 20.64
CA PRO A 164 0.39 -14.33 20.55
C PRO A 164 1.41 -13.75 21.53
N TRP A 165 1.07 -12.66 22.21
CA TRP A 165 1.97 -12.03 23.18
C TRP A 165 1.33 -11.93 24.55
N ILE A 166 2.15 -12.10 25.58
CA ILE A 166 1.71 -11.94 26.96
C ILE A 166 2.54 -10.86 27.63
N LEU A 167 1.90 -9.91 28.30
CA LEU A 167 2.65 -8.91 29.06
C LEU A 167 3.33 -9.58 30.24
N GLN A 168 4.64 -9.50 30.30
CA GLN A 168 5.39 -10.10 31.40
C GLN A 168 5.45 -9.16 32.58
N GLU A 169 5.86 -7.93 32.33
CA GLU A 169 5.98 -6.94 33.39
C GLU A 169 6.03 -5.53 32.84
N SER A 170 5.67 -4.57 33.68
N SER A 170 5.69 -4.57 33.69
CA SER A 170 5.66 -3.17 33.32
CA SER A 170 5.67 -3.17 33.30
C SER A 170 6.29 -2.35 34.43
C SER A 170 6.23 -2.30 34.41
N LYS A 171 7.03 -1.31 34.03
CA LYS A 171 7.58 -0.37 35.00
C LYS A 171 7.28 1.03 34.51
N LEU A 172 6.47 1.75 35.28
CA LEU A 172 6.02 3.09 34.88
C LEU A 172 7.21 3.98 34.54
N ASN A 173 7.18 4.55 33.34
CA ASN A 173 8.20 5.48 32.87
C ASN A 173 9.57 4.83 32.61
N GLN A 174 9.62 3.50 32.64
CA GLN A 174 10.88 2.80 32.37
C GLN A 174 10.77 1.85 31.17
N TYR A 175 10.01 0.77 31.33
CA TYR A 175 9.89 -0.21 30.25
C TYR A 175 8.66 -1.11 30.38
N ASP A 176 8.34 -1.79 29.28
CA ASP A 176 7.36 -2.86 29.26
C ASP A 176 7.98 -4.10 28.62
N VAL A 177 7.74 -5.28 29.18
CA VAL A 177 8.26 -6.50 28.59
C VAL A 177 7.15 -7.47 28.22
N PHE A 178 7.18 -7.93 26.97
CA PHE A 178 6.26 -8.95 26.49
C PHE A 178 7.01 -10.23 26.16
N VAL A 179 6.34 -11.36 26.33
CA VAL A 179 6.90 -12.63 25.86
C VAL A 179 5.89 -13.35 24.97
N ARG A 180 6.41 -14.27 24.17
CA ARG A 180 5.59 -15.10 23.30
C ARG A 180 4.64 -15.99 24.11
N ASN A 181 3.37 -16.03 23.70
CA ASN A 181 2.40 -16.98 24.25
C ASN A 181 2.69 -18.37 23.71
N GLU A 182 3.20 -19.26 24.57
CA GLU A 182 3.63 -20.58 24.12
C GLU A 182 2.44 -21.50 23.91
N ASN A 183 1.27 -21.03 24.34
CA ASN A 183 0.05 -21.81 24.19
C ASN A 183 -0.97 -21.12 23.30
N TYR A 184 -0.46 -20.38 22.32
CA TYR A 184 -1.28 -19.66 21.36
C TYR A 184 -1.94 -20.62 20.37
N TRP A 185 -3.20 -20.35 20.03
CA TRP A 185 -3.96 -21.23 19.14
C TRP A 185 -3.47 -21.17 17.70
N GLY A 186 -2.80 -20.07 17.35
CA GLY A 186 -2.35 -19.87 15.99
C GLY A 186 -0.86 -20.09 15.80
N GLU A 187 -0.28 -19.37 14.85
CA GLU A 187 1.12 -19.53 14.51
C GLU A 187 2.02 -18.94 15.59
N LYS A 188 3.09 -19.66 15.89
CA LYS A 188 4.06 -19.23 16.88
C LYS A 188 4.96 -18.12 16.34
N PRO A 189 5.03 -16.98 17.04
CA PRO A 189 5.98 -15.93 16.65
C PRO A 189 7.42 -16.44 16.72
N ALA A 190 8.27 -15.97 15.82
CA ALA A 190 9.69 -16.34 15.85
C ALA A 190 10.39 -15.67 17.03
N ILE A 191 9.98 -14.44 17.32
CA ILE A 191 10.53 -13.67 18.43
C ILE A 191 9.92 -14.16 19.74
N LYS A 192 10.75 -14.30 20.77
CA LYS A 192 10.32 -14.86 22.04
C LYS A 192 10.08 -13.79 23.09
N LYS A 193 10.79 -12.67 22.98
CA LYS A 193 10.69 -11.62 23.99
C LYS A 193 10.87 -10.25 23.37
N ILE A 194 10.02 -9.31 23.76
CA ILE A 194 10.12 -7.93 23.26
C ILE A 194 10.13 -6.95 24.42
N THR A 195 11.16 -6.13 24.49
CA THR A 195 11.26 -5.11 25.53
C THR A 195 11.03 -3.72 24.92
N PHE A 196 10.10 -2.98 25.50
CA PHE A 196 9.81 -1.60 25.10
C PHE A 196 10.42 -0.63 26.10
N ASN A 197 11.45 0.09 25.68
CA ASN A 197 12.03 1.14 26.52
C ASN A 197 11.22 2.41 26.36
N VAL A 198 10.80 3.02 27.47
CA VAL A 198 10.02 4.25 27.39
C VAL A 198 10.93 5.44 27.14
N ILE A 199 10.82 6.01 25.94
CA ILE A 199 11.69 7.10 25.51
C ILE A 199 10.86 8.16 24.79
N PRO A 200 10.44 9.21 25.51
CA PRO A 200 9.46 10.15 24.95
C PRO A 200 10.01 11.07 23.88
N ASP A 201 11.32 11.35 23.92
CA ASP A 201 11.93 12.32 23.02
C ASP A 201 12.46 11.66 21.75
N PRO A 202 12.08 12.20 20.58
CA PRO A 202 12.53 11.61 19.29
C PRO A 202 14.05 11.58 19.11
N THR A 203 14.75 12.62 19.57
CA THR A 203 16.21 12.61 19.46
C THR A 203 16.79 11.52 20.35
N THR A 204 16.25 11.39 21.56
CA THR A 204 16.76 10.39 22.49
C THR A 204 16.52 8.99 21.93
N ARG A 205 15.44 8.80 21.19
CA ARG A 205 15.17 7.52 20.55
C ARG A 205 16.26 7.23 19.50
N ALA A 206 16.59 8.24 18.70
CA ALA A 206 17.64 8.09 17.69
C ALA A 206 18.97 7.75 18.34
N VAL A 207 19.30 8.48 19.41
CA VAL A 207 20.53 8.23 20.15
C VAL A 207 20.54 6.81 20.73
N ALA A 208 19.41 6.37 21.26
CA ALA A 208 19.30 5.02 21.81
C ALA A 208 19.62 3.96 20.74
N PHE A 209 19.20 4.22 19.50
CA PHE A 209 19.49 3.28 18.43
C PHE A 209 20.97 3.31 18.07
N GLU A 210 21.53 4.52 17.99
CA GLU A 210 22.92 4.70 17.59
C GLU A 210 23.88 4.01 18.55
N THR A 211 23.53 4.02 19.83
CA THR A 211 24.39 3.44 20.85
C THR A 211 24.20 1.92 20.95
N GLY A 212 23.13 1.42 20.34
CA GLY A 212 22.84 0.00 20.36
C GLY A 212 21.94 -0.40 21.52
N ASP A 213 21.43 0.58 22.25
CA ASP A 213 20.53 0.31 23.37
C ASP A 213 19.23 -0.35 22.92
N ILE A 214 18.83 -0.09 21.67
CA ILE A 214 17.63 -0.70 21.12
C ILE A 214 17.88 -1.26 19.72
N ASP A 215 17.03 -2.18 19.28
CA ASP A 215 17.22 -2.93 18.05
C ASP A 215 16.31 -2.45 16.94
N LEU A 216 15.25 -1.77 17.33
CA LEU A 216 14.17 -1.45 16.39
C LEU A 216 13.42 -0.19 16.78
N LEU A 217 13.22 0.70 15.81
CA LEU A 217 12.31 1.80 15.97
C LEU A 217 11.20 1.67 14.91
N TYR A 218 9.95 1.88 15.32
CA TYR A 218 8.80 1.66 14.44
C TYR A 218 7.74 2.69 14.79
N GLY A 219 7.34 3.53 13.84
CA GLY A 219 6.32 4.54 14.14
C GLY A 219 5.99 5.43 12.97
N ASN A 220 5.25 6.51 13.21
CA ASN A 220 4.87 7.41 12.12
C ASN A 220 5.94 8.49 11.92
N GLU A 221 5.55 9.64 11.38
CA GLU A 221 6.55 10.67 11.03
C GLU A 221 7.23 11.29 12.27
N GLY A 222 6.67 11.05 13.44
CA GLY A 222 7.25 11.55 14.67
C GLY A 222 8.24 10.61 15.32
N LEU A 223 8.55 9.49 14.66
CA LEU A 223 9.38 8.44 15.27
C LEU A 223 10.73 8.95 15.74
N LEU A 224 11.42 9.67 14.85
CA LEU A 224 12.74 10.23 15.16
C LEU A 224 12.92 11.45 14.27
N PRO A 225 13.95 12.27 14.55
CA PRO A 225 14.13 13.43 13.67
C PRO A 225 14.32 13.00 12.21
N LEU A 226 13.66 13.67 11.29
CA LEU A 226 13.60 13.18 9.93
C LEU A 226 14.90 13.39 9.16
N ASP A 227 15.67 14.41 9.55
CA ASP A 227 16.99 14.57 8.96
C ASP A 227 17.86 13.39 9.38
N THR A 228 17.73 12.99 10.64
CA THR A 228 18.44 11.84 11.15
C THR A 228 18.01 10.54 10.47
N PHE A 229 16.71 10.38 10.27
CA PHE A 229 16.22 9.22 9.52
C PHE A 229 16.87 9.14 8.13
N ALA A 230 16.91 10.27 7.41
CA ALA A 230 17.54 10.29 6.09
C ALA A 230 19.01 9.88 6.17
N ARG A 231 19.72 10.37 7.19
CA ARG A 231 21.12 9.99 7.37
CA ARG A 231 21.12 9.98 7.40
C ARG A 231 21.22 8.50 7.64
N PHE A 232 20.34 7.97 8.50
CA PHE A 232 20.35 6.54 8.80
C PHE A 232 20.13 5.70 7.54
N SER A 233 19.30 6.21 6.63
CA SER A 233 18.95 5.45 5.43
C SER A 233 20.15 5.28 4.50
N GLN A 234 21.19 6.07 4.72
CA GLN A 234 22.42 5.97 3.93
C GLN A 234 23.51 5.22 4.67
N ASN A 235 23.28 4.94 5.95
CA ASN A 235 24.29 4.32 6.80
C ASN A 235 24.27 2.82 6.59
N PRO A 236 25.37 2.26 6.09
CA PRO A 236 25.32 0.84 5.72
C PRO A 236 25.29 -0.09 6.93
N ALA A 237 25.54 0.43 8.12
CA ALA A 237 25.44 -0.37 9.34
C ALA A 237 23.98 -0.55 9.78
N TYR A 238 23.10 0.25 9.20
CA TYR A 238 21.70 0.29 9.62
C TYR A 238 20.77 -0.23 8.55
N HIS A 239 19.52 -0.51 8.94
CA HIS A 239 18.44 -0.76 8.00
C HIS A 239 17.33 0.27 8.25
N THR A 240 16.77 0.82 7.17
CA THR A 240 15.62 1.71 7.32
C THR A 240 14.55 1.38 6.31
N GLN A 241 13.31 1.74 6.62
CA GLN A 241 12.19 1.56 5.71
C GLN A 241 11.25 2.75 5.80
N LEU A 242 10.56 3.01 4.70
CA LEU A 242 9.53 4.05 4.64
C LEU A 242 8.34 3.45 3.91
N SER A 243 7.19 3.35 4.57
CA SER A 243 6.04 2.68 3.97
C SER A 243 5.37 3.57 2.93
N GLN A 244 4.43 3.01 2.18
CA GLN A 244 3.52 3.84 1.40
C GLN A 244 2.62 4.58 2.39
N PRO A 245 2.04 5.71 1.97
CA PRO A 245 1.32 6.55 2.95
C PRO A 245 0.15 5.84 3.62
N ILE A 246 -0.08 6.17 4.89
CA ILE A 246 -1.13 5.51 5.65
C ILE A 246 -2.27 6.43 6.05
N GLU A 247 -2.02 7.74 6.13
CA GLU A 247 -3.04 8.68 6.58
C GLU A 247 -2.68 10.14 6.26
N THR A 248 -3.63 11.03 6.48
CA THR A 248 -3.46 12.45 6.19
C THR A 248 -3.13 13.28 7.43
N VAL A 249 -2.19 14.22 7.29
CA VAL A 249 -1.99 15.26 8.27
C VAL A 249 -2.48 16.57 7.68
N MET A 250 -3.23 17.35 8.46
CA MET A 250 -3.84 18.57 7.94
CA MET A 250 -3.81 18.58 7.94
C MET A 250 -4.09 19.59 9.04
N LEU A 251 -4.47 20.79 8.62
CA LEU A 251 -5.04 21.76 9.55
C LEU A 251 -6.55 21.63 9.48
N ALA A 252 -7.20 21.76 10.63
CA ALA A 252 -8.65 21.96 10.68
C ALA A 252 -8.90 23.43 10.92
N LEU A 253 -9.78 24.02 10.12
CA LEU A 253 -10.10 25.45 10.21
C LEU A 253 -11.48 25.64 10.84
N ASN A 254 -11.56 26.58 11.78
CA ASN A 254 -12.82 26.73 12.53
C ASN A 254 -13.83 27.61 11.79
N THR A 255 -14.80 26.95 11.17
CA THR A 255 -15.83 27.63 10.40
C THR A 255 -16.80 28.41 11.28
N ALA A 256 -16.67 28.28 12.59
CA ALA A 256 -17.59 28.96 13.51
C ALA A 256 -16.93 30.14 14.23
N LYS A 257 -15.70 30.45 13.86
CA LYS A 257 -14.93 31.49 14.57
C LYS A 257 -14.27 32.45 13.58
N ALA A 258 -14.44 33.76 13.81
CA ALA A 258 -13.81 34.76 12.96
C ALA A 258 -12.29 34.64 13.05
N PRO A 259 -11.58 34.82 11.93
CA PRO A 259 -12.07 35.08 10.59
C PRO A 259 -12.20 33.82 9.73
N THR A 260 -11.91 32.65 10.29
CA THR A 260 -11.99 31.42 9.51
C THR A 260 -13.44 31.00 9.26
N ASN A 261 -14.38 31.79 9.78
CA ASN A 261 -15.79 31.54 9.53
C ASN A 261 -16.15 31.93 8.10
N GLU A 262 -15.28 32.71 7.46
CA GLU A 262 -15.51 33.15 6.09
C GLU A 262 -14.94 32.17 5.08
N LEU A 263 -15.78 31.68 4.18
CA LEU A 263 -15.31 30.77 3.13
C LEU A 263 -14.13 31.35 2.35
N ALA A 264 -14.21 32.62 1.97
CA ALA A 264 -13.16 33.24 1.18
C ALA A 264 -11.83 33.20 1.90
N VAL A 265 -11.86 33.35 3.23
CA VAL A 265 -10.66 33.28 4.03
C VAL A 265 -10.10 31.86 4.02
N ARG A 266 -10.95 30.86 4.24
CA ARG A 266 -10.50 29.47 4.24
C ARG A 266 -9.94 29.06 2.87
N GLU A 267 -10.59 29.53 1.81
CA GLU A 267 -10.11 29.26 0.46
C GLU A 267 -8.72 29.85 0.23
N ALA A 268 -8.52 31.08 0.69
CA ALA A 268 -7.23 31.75 0.52
C ALA A 268 -6.13 31.04 1.30
N LEU A 269 -6.44 30.61 2.52
CA LEU A 269 -5.46 29.89 3.31
C LEU A 269 -5.04 28.62 2.60
N ASN A 270 -5.97 27.98 1.90
CA ASN A 270 -5.67 26.75 1.15
C ASN A 270 -4.83 26.97 -0.11
N TYR A 271 -4.67 28.23 -0.51
CA TYR A 271 -3.77 28.56 -1.62
C TYR A 271 -2.43 29.11 -1.14
N ALA A 272 -2.32 29.38 0.16
CA ALA A 272 -1.18 30.15 0.65
C ALA A 272 0.02 29.29 1.05
N VAL A 273 -0.20 28.02 1.36
CA VAL A 273 0.89 27.19 1.86
C VAL A 273 1.61 26.44 0.74
N ASN A 274 2.93 26.57 0.69
CA ASN A 274 3.71 25.78 -0.24
C ASN A 274 4.02 24.45 0.42
N LYS A 275 3.17 23.46 0.14
CA LYS A 275 3.25 22.19 0.83
C LYS A 275 4.51 21.41 0.49
N LYS A 276 4.89 21.46 -0.78
CA LYS A 276 6.10 20.79 -1.22
C LYS A 276 7.29 21.31 -0.45
N SER A 277 7.37 22.63 -0.35
CA SER A 277 8.46 23.28 0.38
C SER A 277 8.37 22.99 1.86
N LEU A 278 7.16 22.96 2.41
CA LEU A 278 6.99 22.62 3.81
C LEU A 278 7.56 21.23 4.08
N ILE A 279 7.19 20.28 3.23
CA ILE A 279 7.62 18.90 3.39
C ILE A 279 9.14 18.77 3.18
N ASP A 280 9.68 19.49 2.22
CA ASP A 280 11.12 19.45 2.02
C ASP A 280 11.88 20.20 3.14
N ASN A 281 11.25 21.22 3.70
CA ASN A 281 11.88 22.06 4.72
C ASN A 281 11.77 21.45 6.11
N ALA A 282 10.57 20.98 6.47
CA ALA A 282 10.31 20.50 7.83
C ALA A 282 10.30 18.97 7.93
N LEU A 283 9.93 18.31 6.85
CA LEU A 283 9.76 16.86 6.86
CA LEU A 283 9.77 16.86 6.88
C LEU A 283 10.88 16.18 6.08
N TYR A 284 11.89 16.97 5.70
CA TYR A 284 13.08 16.47 5.02
C TYR A 284 12.78 15.64 3.77
N GLY A 285 11.71 15.99 3.07
CA GLY A 285 11.33 15.34 1.83
C GLY A 285 10.84 13.91 1.96
N THR A 286 10.49 13.48 3.17
CA THR A 286 10.18 12.08 3.40
C THR A 286 8.68 11.75 3.28
N GLN A 287 7.85 12.76 3.10
CA GLN A 287 6.41 12.53 3.03
C GLN A 287 5.82 13.06 1.72
N GLN A 288 4.53 12.81 1.48
CA GLN A 288 3.88 13.21 0.23
CA GLN A 288 3.90 13.22 0.23
C GLN A 288 2.95 14.40 0.43
N VAL A 289 2.85 15.26 -0.56
CA VAL A 289 1.91 16.39 -0.52
C VAL A 289 0.47 15.88 -0.56
N ALA A 290 -0.39 16.48 0.28
CA ALA A 290 -1.82 16.16 0.30
C ALA A 290 -2.66 17.33 -0.22
N ASP A 291 -3.56 17.04 -1.16
CA ASP A 291 -4.44 18.06 -1.74
C ASP A 291 -5.86 17.95 -1.21
N THR A 292 -6.19 16.78 -0.65
CA THR A 292 -7.55 16.46 -0.22
C THR A 292 -7.53 15.79 1.16
N LEU A 293 -8.64 15.90 1.87
CA LEU A 293 -8.79 15.27 3.18
C LEU A 293 -8.34 13.80 3.17
N PHE A 294 -8.82 13.07 2.18
CA PHE A 294 -8.38 11.69 1.98
C PHE A 294 -7.64 11.57 0.65
N ALA A 295 -6.54 10.83 0.66
CA ALA A 295 -5.85 10.52 -0.57
C ALA A 295 -6.78 9.79 -1.55
N PRO A 296 -6.55 9.97 -2.87
CA PRO A 296 -7.38 9.34 -3.89
C PRO A 296 -7.39 7.81 -3.80
N SER A 297 -6.41 7.23 -3.11
CA SER A 297 -6.34 5.78 -2.91
C SER A 297 -7.24 5.25 -1.79
N VAL A 298 -7.84 6.16 -1.01
CA VAL A 298 -8.75 5.77 0.07
C VAL A 298 -10.08 5.30 -0.50
N PRO A 299 -10.65 4.22 0.07
CA PRO A 299 -11.96 3.75 -0.41
C PRO A 299 -12.98 4.88 -0.49
N TYR A 300 -13.73 4.91 -1.59
CA TYR A 300 -14.81 5.87 -1.84
C TYR A 300 -14.35 7.32 -2.01
N ALA A 301 -13.04 7.55 -2.01
CA ALA A 301 -12.52 8.92 -2.02
C ALA A 301 -11.82 9.31 -3.33
N ASN A 302 -11.93 8.50 -4.38
CA ASN A 302 -11.40 8.92 -5.67
C ASN A 302 -12.47 9.70 -6.44
N LEU A 303 -12.53 10.99 -6.19
CA LEU A 303 -13.69 11.79 -6.60
C LEU A 303 -13.34 12.91 -7.56
N GLY A 304 -12.07 13.01 -7.93
CA GLY A 304 -11.63 14.05 -8.85
C GLY A 304 -11.76 15.45 -8.28
N LEU A 305 -11.66 15.58 -6.96
CA LEU A 305 -11.70 16.88 -6.31
C LEU A 305 -10.57 17.77 -6.79
N LYS A 306 -10.85 19.07 -6.93
CA LYS A 306 -9.89 20.01 -7.49
C LYS A 306 -8.92 20.52 -6.43
N PRO A 307 -7.64 20.24 -6.61
CA PRO A 307 -6.64 20.73 -5.65
C PRO A 307 -6.54 22.25 -5.67
N SER A 308 -6.24 22.84 -4.51
CA SER A 308 -5.83 24.23 -4.47
C SER A 308 -4.31 24.26 -4.40
N GLN A 309 -3.67 24.50 -5.53
CA GLN A 309 -2.21 24.50 -5.58
C GLN A 309 -1.66 25.80 -5.00
N TYR A 310 -0.45 25.73 -4.46
CA TYR A 310 0.22 26.91 -3.94
C TYR A 310 0.18 28.04 -4.96
N ASP A 311 -0.44 29.15 -4.56
CA ASP A 311 -0.69 30.26 -5.47
C ASP A 311 -0.98 31.51 -4.65
N PRO A 312 0.09 32.19 -4.19
CA PRO A 312 -0.05 33.36 -3.31
C PRO A 312 -0.85 34.47 -3.98
N GLN A 313 -0.72 34.59 -5.29
CA GLN A 313 -1.46 35.61 -6.03
C GLN A 313 -2.96 35.39 -5.92
N LYS A 314 -3.37 34.14 -6.09
CA LYS A 314 -4.77 33.77 -5.97
C LYS A 314 -5.26 34.03 -4.55
N ALA A 315 -4.44 33.67 -3.56
CA ALA A 315 -4.83 33.85 -2.16
C ALA A 315 -5.09 35.32 -1.87
N LYS A 316 -4.20 36.18 -2.34
CA LYS A 316 -4.35 37.62 -2.15
C LYS A 316 -5.63 38.12 -2.81
N ALA A 317 -5.87 37.69 -4.05
CA ALA A 317 -7.05 38.12 -4.79
C ALA A 317 -8.34 37.73 -4.07
N LEU A 318 -8.39 36.51 -3.55
CA LEU A 318 -9.56 36.03 -2.83
C LEU A 318 -9.83 36.90 -1.60
N LEU A 319 -8.77 37.23 -0.86
CA LEU A 319 -8.90 38.06 0.33
C LEU A 319 -9.30 39.49 -0.03
N GLU A 320 -8.67 40.05 -1.06
CA GLU A 320 -9.02 41.40 -1.53
C GLU A 320 -10.50 41.49 -1.92
N LYS A 321 -10.97 40.48 -2.64
CA LYS A 321 -12.36 40.45 -3.11
C LYS A 321 -13.34 40.38 -1.95
N ALA A 322 -12.90 39.78 -0.84
CA ALA A 322 -13.76 39.64 0.34
C ALA A 322 -13.64 40.82 1.30
N GLY A 323 -12.95 41.87 0.87
CA GLY A 323 -12.82 43.07 1.67
C GLY A 323 -11.68 43.05 2.68
N TRP A 324 -10.78 42.08 2.55
CA TRP A 324 -9.60 42.04 3.41
C TRP A 324 -8.43 42.70 2.69
N THR A 325 -8.22 43.98 2.94
CA THR A 325 -7.21 44.74 2.21
C THR A 325 -6.13 45.27 3.14
N LEU A 326 -4.99 45.64 2.56
CA LEU A 326 -3.85 46.13 3.33
C LEU A 326 -3.96 47.62 3.58
N PRO A 327 -3.95 48.02 4.87
CA PRO A 327 -3.86 49.45 5.19
C PRO A 327 -2.47 50.00 4.88
N ALA A 328 -2.36 51.31 4.73
CA ALA A 328 -1.10 51.95 4.40
C ALA A 328 0.00 51.59 5.40
N GLY A 329 1.13 51.10 4.87
CA GLY A 329 2.28 50.79 5.68
C GLY A 329 2.10 49.58 6.60
N LYS A 330 1.17 48.70 6.26
CA LYS A 330 0.96 47.50 7.04
C LYS A 330 0.98 46.25 6.15
N ASP A 331 1.43 45.13 6.71
CA ASP A 331 1.51 43.87 5.98
C ASP A 331 0.34 42.95 6.32
N ILE A 332 -0.39 43.26 7.38
CA ILE A 332 -1.52 42.45 7.78
C ILE A 332 -2.83 43.11 7.37
N ARG A 333 -3.66 42.35 6.67
CA ARG A 333 -4.92 42.88 6.13
C ARG A 333 -5.94 43.20 7.22
N GLU A 334 -6.86 44.09 6.87
CA GLU A 334 -7.92 44.49 7.78
C GLU A 334 -9.26 44.53 7.05
N LYS A 335 -10.32 44.33 7.81
CA LYS A 335 -11.69 44.39 7.31
C LYS A 335 -12.57 44.85 8.48
N ASN A 336 -13.32 45.93 8.26
CA ASN A 336 -14.07 46.58 9.35
C ASN A 336 -13.14 46.99 10.48
N GLY A 337 -11.91 47.38 10.16
CA GLY A 337 -10.92 47.75 11.14
C GLY A 337 -10.29 46.56 11.86
N GLN A 338 -10.87 45.38 11.66
CA GLN A 338 -10.39 44.16 12.29
C GLN A 338 -9.27 43.52 11.48
N PRO A 339 -8.15 43.21 12.14
CA PRO A 339 -6.99 42.58 11.50
C PRO A 339 -7.26 41.11 11.15
N LEU A 340 -6.65 40.64 10.08
CA LEU A 340 -6.78 39.24 9.69
C LEU A 340 -5.85 38.41 10.57
N ARG A 341 -6.33 38.08 11.76
CA ARG A 341 -5.52 37.38 12.74
C ARG A 341 -6.11 36.01 13.05
N ILE A 342 -5.26 34.99 13.02
CA ILE A 342 -5.71 33.60 13.23
C ILE A 342 -4.77 32.89 14.19
N GLU A 343 -5.32 32.21 15.19
CA GLU A 343 -4.49 31.47 16.13
C GLU A 343 -4.33 30.02 15.71
N LEU A 344 -3.08 29.57 15.69
CA LEU A 344 -2.76 28.20 15.33
C LEU A 344 -2.30 27.49 16.60
N SER A 345 -3.10 26.54 17.05
CA SER A 345 -2.84 25.77 18.27
C SER A 345 -2.11 24.47 17.98
N PHE A 346 -1.09 24.16 18.78
CA PHE A 346 -0.34 22.93 18.61
C PHE A 346 0.36 22.56 19.91
N ILE A 347 0.83 21.32 20.00
CA ILE A 347 1.56 20.88 21.18
C ILE A 347 2.94 21.52 21.20
N GLY A 348 3.17 22.39 22.18
CA GLY A 348 4.34 23.25 22.20
C GLY A 348 5.67 22.54 22.30
N THR A 349 5.67 21.31 22.81
CA THR A 349 6.92 20.57 23.01
C THR A 349 7.23 19.67 21.83
N ASP A 350 6.31 19.60 20.88
CA ASP A 350 6.49 18.81 19.66
C ASP A 350 7.27 19.64 18.65
N ALA A 351 8.56 19.34 18.51
CA ALA A 351 9.45 20.11 17.65
C ALA A 351 9.00 20.11 16.19
N LEU A 352 8.48 18.99 15.72
CA LEU A 352 8.04 18.88 14.35
C LEU A 352 6.82 19.77 14.11
N SER A 353 5.85 19.68 15.00
CA SER A 353 4.67 20.54 14.93
C SER A 353 5.05 22.01 14.96
N LYS A 354 5.99 22.37 15.83
CA LYS A 354 6.41 23.77 15.92
C LYS A 354 7.04 24.21 14.60
N SER A 355 7.89 23.37 14.04
CA SER A 355 8.55 23.66 12.77
CA SER A 355 8.55 23.65 12.76
C SER A 355 7.54 23.91 11.65
N MET A 356 6.56 23.01 11.52
CA MET A 356 5.52 23.19 10.52
C MET A 356 4.69 24.44 10.79
N ALA A 357 4.36 24.68 12.05
CA ALA A 357 3.59 25.86 12.43
C ALA A 357 4.32 27.16 12.02
N GLU A 358 5.64 27.17 12.17
CA GLU A 358 6.40 28.37 11.82
C GLU A 358 6.45 28.58 10.31
N ILE A 359 6.54 27.49 9.55
CA ILE A 359 6.47 27.59 8.10
C ILE A 359 5.09 28.09 7.65
N ILE A 360 4.04 27.55 8.26
CA ILE A 360 2.68 27.97 7.93
C ILE A 360 2.46 29.45 8.26
N GLN A 361 2.94 29.87 9.43
CA GLN A 361 2.86 31.26 9.82
C GLN A 361 3.55 32.16 8.80
N ALA A 362 4.75 31.77 8.38
CA ALA A 362 5.51 32.57 7.43
C ALA A 362 4.80 32.66 6.08
N ASP A 363 4.33 31.52 5.59
CA ASP A 363 3.60 31.48 4.32
C ASP A 363 2.34 32.34 4.37
N MET A 364 1.62 32.31 5.49
CA MET A 364 0.37 33.07 5.54
CA MET A 364 0.37 33.08 5.62
C MET A 364 0.63 34.58 5.72
N ARG A 365 1.73 34.93 6.37
CA ARG A 365 2.07 36.34 6.48
C ARG A 365 2.33 36.92 5.10
N GLN A 366 2.88 36.10 4.21
CA GLN A 366 3.20 36.54 2.85
C GLN A 366 1.96 36.97 2.08
N ILE A 367 0.79 36.49 2.48
CA ILE A 367 -0.44 36.89 1.81
C ILE A 367 -1.33 37.75 2.72
N GLY A 368 -0.75 38.23 3.82
CA GLY A 368 -1.41 39.24 4.65
C GLY A 368 -2.20 38.74 5.83
N ALA A 369 -2.02 37.47 6.19
CA ALA A 369 -2.70 36.92 7.35
C ALA A 369 -1.72 36.77 8.51
N ASP A 370 -2.11 37.27 9.68
CA ASP A 370 -1.26 37.21 10.86
C ASP A 370 -1.61 35.99 11.71
N VAL A 371 -0.78 34.95 11.61
CA VAL A 371 -1.01 33.75 12.39
C VAL A 371 -0.25 33.83 13.71
N SER A 372 -0.98 33.72 14.81
CA SER A 372 -0.37 33.63 16.13
C SER A 372 -0.18 32.17 16.51
N LEU A 373 1.04 31.82 16.91
CA LEU A 373 1.32 30.45 17.33
C LEU A 373 0.99 30.29 18.81
N ILE A 374 0.17 29.29 19.11
CA ILE A 374 -0.19 29.00 20.49
C ILE A 374 0.25 27.59 20.83
N GLY A 375 1.49 27.44 21.30
CA GLY A 375 2.01 26.15 21.70
C GLY A 375 1.70 25.84 23.16
N GLU A 376 0.97 24.77 23.39
CA GLU A 376 0.51 24.45 24.74
C GLU A 376 0.71 22.98 25.05
N GLU A 377 0.62 22.62 26.32
CA GLU A 377 0.71 21.22 26.69
C GLU A 377 -0.44 20.40 26.10
N GLU A 378 -0.19 19.10 25.96
CA GLU A 378 -1.09 18.17 25.30
C GLU A 378 -2.54 18.25 25.78
N SER A 379 -2.71 18.26 27.09
CA SER A 379 -4.05 18.29 27.66
C SER A 379 -4.83 19.53 27.23
N SER A 380 -4.13 20.66 27.17
CA SER A 380 -4.73 21.93 26.78
CA SER A 380 -4.74 21.92 26.79
C SER A 380 -5.16 21.92 25.32
N ILE A 381 -4.34 21.30 24.47
CA ILE A 381 -4.66 21.22 23.05
C ILE A 381 -5.87 20.32 22.81
N TYR A 382 -5.92 19.18 23.49
CA TYR A 382 -7.07 18.30 23.33
C TYR A 382 -8.34 18.95 23.87
N ALA A 383 -8.19 19.75 24.92
CA ALA A 383 -9.34 20.47 25.47
C ALA A 383 -9.88 21.45 24.43
N ARG A 384 -8.98 22.15 23.76
CA ARG A 384 -9.36 23.09 22.71
C ARG A 384 -10.07 22.38 21.57
N GLN A 385 -9.57 21.20 21.22
CA GLN A 385 -10.17 20.41 20.16
C GLN A 385 -11.62 20.06 20.49
N ARG A 386 -11.83 19.65 21.74
CA ARG A 386 -13.11 19.14 22.18
C ARG A 386 -14.20 20.20 22.23
N ASP A 387 -13.82 21.46 22.47
CA ASP A 387 -14.77 22.54 22.69
CA ASP A 387 -14.87 22.47 22.59
C ASP A 387 -14.69 23.63 21.61
N GLY A 388 -13.89 23.40 20.58
CA GLY A 388 -13.76 24.38 19.51
C GLY A 388 -13.08 25.70 19.85
N ARG A 389 -12.21 25.69 20.86
CA ARG A 389 -11.44 26.88 21.21
CA ARG A 389 -11.44 26.88 21.22
C ARG A 389 -10.16 26.96 20.39
N PHE A 390 -10.34 27.14 19.08
CA PHE A 390 -9.21 27.25 18.17
C PHE A 390 -9.61 27.95 16.89
N GLY A 391 -8.60 28.52 16.22
CA GLY A 391 -8.77 29.09 14.90
C GLY A 391 -8.36 28.04 13.88
N MET A 392 -7.12 27.60 13.99
CA MET A 392 -6.59 26.46 13.24
C MET A 392 -5.88 25.50 14.20
N ILE A 393 -5.97 24.20 13.91
CA ILE A 393 -5.25 23.18 14.68
CA ILE A 393 -5.28 23.19 14.70
C ILE A 393 -4.70 22.12 13.77
N PHE A 394 -3.58 21.52 14.18
CA PHE A 394 -3.08 20.34 13.48
C PHE A 394 -4.01 19.17 13.77
N HIS A 395 -4.25 18.35 12.76
CA HIS A 395 -5.18 17.23 12.89
C HIS A 395 -4.67 16.14 11.95
N ARG A 396 -5.23 14.95 12.07
CA ARG A 396 -4.83 13.85 11.19
C ARG A 396 -5.98 12.86 11.08
N THR A 397 -6.02 12.13 9.97
CA THR A 397 -6.99 11.06 9.85
C THR A 397 -6.40 9.81 10.49
N TRP A 398 -7.11 8.69 10.37
CA TRP A 398 -6.85 7.58 11.27
C TRP A 398 -6.24 6.35 10.61
N GLY A 399 -6.14 6.37 9.29
CA GLY A 399 -5.62 5.24 8.54
C GLY A 399 -6.59 4.06 8.45
N ALA A 400 -6.21 3.03 7.70
CA ALA A 400 -7.05 1.84 7.58
C ALA A 400 -7.18 1.12 8.92
N PRO A 401 -8.36 0.54 9.19
CA PRO A 401 -9.57 0.55 8.36
C PRO A 401 -10.52 1.68 8.74
N TYR A 402 -10.05 2.66 9.49
CA TYR A 402 -10.89 3.78 9.92
C TYR A 402 -11.28 4.72 8.79
N ASP A 403 -10.36 4.95 7.85
CA ASP A 403 -10.58 5.93 6.80
C ASP A 403 -11.30 5.27 5.62
N PRO A 404 -12.41 5.87 5.15
CA PRO A 404 -13.02 7.10 5.64
C PRO A 404 -14.21 6.94 6.59
N HIS A 405 -14.80 5.74 6.67
CA HIS A 405 -16.12 5.60 7.30
C HIS A 405 -16.13 6.01 8.78
N ALA A 406 -15.12 5.59 9.52
CA ALA A 406 -15.07 5.84 10.96
C ALA A 406 -14.70 7.28 11.26
N PHE A 407 -13.78 7.82 10.46
CA PHE A 407 -13.39 9.22 10.63
C PHE A 407 -14.59 10.11 10.34
N LEU A 408 -15.33 9.77 9.29
CA LEU A 408 -16.55 10.51 8.96
C LEU A 408 -17.61 10.35 10.05
N SER A 409 -17.80 9.12 10.52
CA SER A 409 -18.78 8.85 11.57
C SER A 409 -18.55 9.76 12.78
N SER A 410 -17.30 9.93 13.16
CA SER A 410 -16.93 10.71 14.33
C SER A 410 -17.13 12.21 14.14
N MET A 411 -17.32 12.66 12.90
CA MET A 411 -17.55 14.07 12.66
C MET A 411 -18.87 14.52 13.28
N ARG A 412 -19.72 13.55 13.60
CA ARG A 412 -21.04 13.84 14.18
C ARG A 412 -20.96 14.05 15.68
N VAL A 413 -19.84 13.67 16.30
CA VAL A 413 -19.70 13.75 17.75
C VAL A 413 -19.22 15.15 18.16
N PRO A 414 -20.04 15.89 18.91
CA PRO A 414 -19.72 17.29 19.20
C PRO A 414 -18.42 17.53 19.97
N SER A 415 -18.01 16.57 20.80
CA SER A 415 -16.86 16.77 21.67
C SER A 415 -15.56 16.42 20.97
N HIS A 416 -15.46 16.82 19.71
CA HIS A 416 -14.44 16.27 18.83
C HIS A 416 -14.06 17.34 17.80
N ALA A 417 -12.78 17.37 17.40
CA ALA A 417 -12.27 18.49 16.62
C ALA A 417 -13.01 18.74 15.33
N ASP A 418 -13.37 17.67 14.63
CA ASP A 418 -13.99 17.82 13.31
C ASP A 418 -15.38 18.43 13.39
N PHE A 419 -16.19 17.97 14.34
CA PHE A 419 -17.50 18.59 14.55
C PHE A 419 -17.34 20.07 14.82
N GLN A 420 -16.41 20.39 15.71
CA GLN A 420 -16.20 21.77 16.13
C GLN A 420 -15.76 22.62 14.95
N ALA A 421 -14.82 22.10 14.14
CA ALA A 421 -14.37 22.82 12.97
C ALA A 421 -15.50 23.06 11.98
N GLN A 422 -16.41 22.10 11.88
CA GLN A 422 -17.51 22.14 10.91
C GLN A 422 -18.76 22.87 11.42
N GLN A 423 -18.74 23.29 12.69
CA GLN A 423 -19.97 23.72 13.36
C GLN A 423 -20.60 24.96 12.73
N GLY A 424 -19.80 25.77 12.06
CA GLY A 424 -20.31 26.98 11.46
C GLY A 424 -20.90 26.84 10.07
N LEU A 425 -20.88 25.62 9.52
CA LEU A 425 -21.38 25.41 8.16
C LEU A 425 -22.90 25.34 8.13
N ALA A 426 -23.50 26.10 7.22
CA ALA A 426 -24.94 26.05 7.01
C ALA A 426 -25.40 24.62 6.70
N ASP A 427 -24.55 23.87 6.00
CA ASP A 427 -24.89 22.50 5.61
C ASP A 427 -24.46 21.42 6.61
N LYS A 428 -23.99 21.81 7.80
CA LYS A 428 -23.52 20.82 8.77
C LYS A 428 -24.59 19.79 9.18
N PRO A 429 -25.84 20.23 9.47
CA PRO A 429 -26.86 19.21 9.74
C PRO A 429 -27.09 18.24 8.57
N LEU A 430 -27.10 18.73 7.34
CA LEU A 430 -27.26 17.85 6.18
C LEU A 430 -26.10 16.86 6.08
N ILE A 431 -24.88 17.36 6.32
CA ILE A 431 -23.69 16.51 6.31
C ILE A 431 -23.81 15.40 7.34
N ASP A 432 -24.21 15.77 8.56
CA ASP A 432 -24.33 14.77 9.62
C ASP A 432 -25.43 13.75 9.32
N LYS A 433 -26.52 14.21 8.72
CA LYS A 433 -27.59 13.34 8.28
C LYS A 433 -27.08 12.33 7.25
N GLU A 434 -26.32 12.83 6.28
CA GLU A 434 -25.81 11.98 5.21
C GLU A 434 -24.76 10.99 5.72
N ILE A 435 -23.97 11.39 6.72
CA ILE A 435 -23.01 10.47 7.33
C ILE A 435 -23.76 9.31 7.98
N GLY A 436 -24.84 9.61 8.71
CA GLY A 436 -25.67 8.56 9.27
C GLY A 436 -26.19 7.62 8.19
N GLU A 437 -26.64 8.20 7.09
CA GLU A 437 -27.25 7.43 5.99
C GLU A 437 -26.25 6.54 5.28
N VAL A 438 -25.04 7.05 5.05
CA VAL A 438 -24.06 6.28 4.28
C VAL A 438 -23.61 5.03 5.04
N LEU A 439 -23.63 5.11 6.38
CA LEU A 439 -23.20 3.99 7.21
C LEU A 439 -24.21 2.85 7.21
N ALA A 440 -25.48 3.20 6.97
CA ALA A 440 -26.57 2.24 7.11
C ALA A 440 -27.16 1.77 5.78
N THR A 441 -26.92 2.53 4.71
CA THR A 441 -27.46 2.13 3.42
C THR A 441 -26.73 0.87 2.95
N HIS A 442 -27.37 0.08 2.11
CA HIS A 442 -26.68 -0.99 1.39
C HIS A 442 -27.02 -0.96 -0.08
N ASP A 443 -27.73 0.09 -0.48
CA ASP A 443 -27.71 0.52 -1.86
C ASP A 443 -26.30 1.04 -2.08
N GLU A 444 -25.48 0.26 -2.78
CA GLU A 444 -24.08 0.61 -2.97
C GLU A 444 -23.91 1.85 -3.84
N THR A 445 -24.83 2.05 -4.76
CA THR A 445 -24.81 3.23 -5.60
C THR A 445 -25.02 4.48 -4.75
N GLN A 446 -26.00 4.40 -3.85
CA GLN A 446 -26.29 5.49 -2.94
C GLN A 446 -25.15 5.71 -1.96
N ARG A 447 -24.50 4.63 -1.53
CA ARG A 447 -23.38 4.73 -0.61
C ARG A 447 -22.27 5.59 -1.23
N GLN A 448 -21.94 5.30 -2.49
CA GLN A 448 -20.90 6.06 -3.18
C GLN A 448 -21.32 7.51 -3.39
N ALA A 449 -22.60 7.73 -3.68
CA ALA A 449 -23.10 9.08 -3.90
C ALA A 449 -23.05 9.91 -2.62
N LEU A 450 -23.34 9.26 -1.50
CA LEU A 450 -23.35 9.94 -0.22
C LEU A 450 -21.92 10.30 0.19
N TYR A 451 -21.00 9.36 0.05
CA TYR A 451 -19.59 9.66 0.30
C TYR A 451 -19.12 10.79 -0.60
N ARG A 452 -19.51 10.78 -1.86
CA ARG A 452 -19.11 11.87 -2.76
C ARG A 452 -19.62 13.21 -2.26
N ASP A 453 -20.90 13.25 -1.86
CA ASP A 453 -21.48 14.52 -1.45
C ASP A 453 -20.83 15.04 -0.17
N ILE A 454 -20.59 14.14 0.78
CA ILE A 454 -20.01 14.54 2.06
C ILE A 454 -18.61 15.09 1.85
N LEU A 455 -17.79 14.33 1.13
CA LEU A 455 -16.40 14.70 0.93
C LEU A 455 -16.28 15.92 0.04
N THR A 456 -17.18 16.06 -0.93
CA THR A 456 -17.11 17.21 -1.83
C THR A 456 -17.53 18.49 -1.11
N ARG A 457 -18.56 18.41 -0.27
CA ARG A 457 -18.95 19.56 0.54
C ARG A 457 -17.80 19.98 1.48
N LEU A 458 -17.18 19.00 2.14
CA LEU A 458 -16.06 19.33 3.03
C LEU A 458 -14.90 19.96 2.27
N HIS A 459 -14.64 19.45 1.07
CA HIS A 459 -13.59 20.00 0.21
C HIS A 459 -13.94 21.41 -0.26
N ASP A 460 -15.13 21.56 -0.83
CA ASP A 460 -15.55 22.85 -1.38
C ASP A 460 -15.71 23.93 -0.31
N GLU A 461 -16.07 23.52 0.90
CA GLU A 461 -16.20 24.46 2.02
C GLU A 461 -14.87 24.78 2.68
N ALA A 462 -13.79 24.14 2.20
CA ALA A 462 -12.44 24.40 2.70
C ALA A 462 -12.36 24.30 4.22
N VAL A 463 -12.96 23.25 4.77
CA VAL A 463 -12.91 23.01 6.21
C VAL A 463 -11.49 22.68 6.66
N TYR A 464 -10.77 21.94 5.83
CA TYR A 464 -9.42 21.52 6.13
C TYR A 464 -8.39 22.19 5.23
N LEU A 465 -7.13 22.13 5.67
CA LEU A 465 -6.00 22.49 4.85
C LEU A 465 -5.09 21.28 4.84
N PRO A 466 -5.31 20.38 3.86
CA PRO A 466 -4.51 19.15 3.83
C PRO A 466 -3.05 19.48 3.61
N ILE A 467 -2.16 18.84 4.35
CA ILE A 467 -0.74 19.12 4.25
C ILE A 467 0.01 17.97 3.61
N SER A 468 -0.10 16.79 4.20
CA SER A 468 0.72 15.66 3.79
C SER A 468 0.04 14.32 4.00
N TYR A 469 0.35 13.37 3.12
CA TYR A 469 0.01 11.97 3.38
C TYR A 469 1.27 11.36 3.97
N ILE A 470 1.20 10.93 5.22
CA ILE A 470 2.41 10.49 5.91
C ILE A 470 2.55 8.97 5.91
N SER A 471 3.77 8.52 6.18
CA SER A 471 4.13 7.11 6.10
C SER A 471 4.58 6.55 7.43
N MET A 472 4.55 5.23 7.53
CA MET A 472 5.21 4.53 8.63
C MET A 472 6.70 4.48 8.32
N MET A 473 7.51 4.52 9.38
CA MET A 473 8.96 4.52 9.23
C MET A 473 9.57 3.46 10.14
N VAL A 474 10.70 2.90 9.71
CA VAL A 474 11.37 1.85 10.46
C VAL A 474 12.86 2.12 10.49
N VAL A 475 13.47 1.96 11.65
CA VAL A 475 14.93 1.90 11.76
C VAL A 475 15.27 0.62 12.51
N SER A 476 16.18 -0.20 11.98
CA SER A 476 16.43 -1.48 12.63
C SER A 476 17.84 -2.01 12.43
N LYS A 477 18.29 -2.84 13.36
CA LYS A 477 19.51 -3.61 13.14
C LYS A 477 19.28 -4.54 11.95
N PRO A 478 20.24 -4.60 11.04
CA PRO A 478 20.09 -5.43 9.83
C PRO A 478 19.74 -6.87 10.13
N GLU A 479 20.23 -7.41 11.24
CA GLU A 479 20.00 -8.81 11.57
C GLU A 479 18.53 -9.16 11.75
N LEU A 480 17.68 -8.16 12.01
CA LEU A 480 16.24 -8.39 12.15
C LEU A 480 15.53 -8.59 10.80
N GLY A 481 16.21 -8.23 9.71
CA GLY A 481 15.66 -8.43 8.39
C GLY A 481 14.61 -7.41 7.99
N ASN A 482 13.85 -7.74 6.94
CA ASN A 482 12.76 -6.89 6.50
C ASN A 482 11.64 -6.82 7.54
N ILE A 483 11.23 -5.61 7.88
CA ILE A 483 10.19 -5.42 8.90
C ILE A 483 8.83 -5.20 8.23
N PRO A 484 7.86 -6.09 8.49
CA PRO A 484 6.53 -6.00 7.86
C PRO A 484 5.67 -4.86 8.41
N TYR A 485 4.71 -4.42 7.61
CA TYR A 485 3.68 -3.50 8.06
C TYR A 485 2.37 -4.25 8.27
N ALA A 486 1.54 -3.77 9.19
CA ALA A 486 0.25 -4.38 9.44
C ALA A 486 -0.84 -3.71 8.62
N PRO A 487 -1.88 -4.46 8.26
CA PRO A 487 -3.04 -3.90 7.56
C PRO A 487 -3.69 -2.74 8.33
N ILE A 488 -3.77 -2.87 9.64
CA ILE A 488 -4.27 -1.78 10.47
C ILE A 488 -3.12 -0.85 10.85
N ALA A 489 -3.28 0.44 10.54
CA ALA A 489 -2.17 1.40 10.60
C ALA A 489 -1.62 1.59 12.01
N THR A 490 -2.45 1.36 13.01
CA THR A 490 -2.01 1.56 14.37
C THR A 490 -1.44 0.30 15.03
N GLU A 491 -1.42 -0.81 14.29
CA GLU A 491 -0.84 -2.04 14.80
C GLU A 491 0.61 -2.22 14.34
N ILE A 492 1.38 -2.98 15.11
CA ILE A 492 2.76 -3.31 14.79
C ILE A 492 2.89 -4.83 14.75
N PRO A 493 3.15 -5.39 13.56
CA PRO A 493 3.09 -6.84 13.38
C PRO A 493 4.33 -7.58 13.89
N PHE A 494 4.60 -7.49 15.18
CA PHE A 494 5.79 -8.13 15.77
C PHE A 494 5.87 -9.64 15.51
N GLU A 495 4.73 -10.31 15.42
CA GLU A 495 4.72 -11.75 15.23
C GLU A 495 5.09 -12.16 13.81
N GLN A 496 5.28 -11.17 12.93
CA GLN A 496 5.64 -11.43 11.54
C GLN A 496 7.12 -11.19 11.30
N ILE A 497 7.81 -10.62 12.28
CA ILE A 497 9.24 -10.40 12.18
C ILE A 497 9.96 -11.74 12.29
N LYS A 498 10.76 -12.06 11.28
CA LYS A 498 11.49 -13.32 11.26
C LYS A 498 12.95 -13.09 10.89
N PRO A 499 13.80 -12.90 11.91
CA PRO A 499 15.23 -12.70 11.71
C PRO A 499 15.92 -13.94 11.14
N ALA B 2 -27.93 -10.32 -15.33
CA ALA B 2 -27.78 -11.26 -14.23
C ALA B 2 -26.86 -10.70 -13.14
N PRO B 3 -27.45 -10.38 -11.97
CA PRO B 3 -26.82 -9.69 -10.83
C PRO B 3 -25.54 -10.34 -10.30
N ASP B 4 -25.41 -11.66 -10.45
CA ASP B 4 -24.21 -12.35 -9.99
C ASP B 4 -23.32 -12.72 -11.17
N GLU B 5 -23.49 -12.00 -12.27
CA GLU B 5 -22.66 -12.19 -13.45
C GLU B 5 -22.08 -10.84 -13.88
N ILE B 6 -20.78 -10.79 -14.14
CA ILE B 6 -20.18 -9.55 -14.60
C ILE B 6 -19.46 -9.72 -15.92
N THR B 7 -19.28 -8.59 -16.60
CA THR B 7 -18.56 -8.55 -17.85
C THR B 7 -17.44 -7.54 -17.70
N THR B 8 -16.24 -7.90 -18.12
CA THR B 8 -15.11 -7.00 -18.03
C THR B 8 -14.36 -7.07 -19.35
N ALA B 9 -13.13 -6.56 -19.39
CA ALA B 9 -12.39 -6.56 -20.63
C ALA B 9 -10.92 -6.86 -20.41
N TRP B 10 -10.24 -7.29 -21.46
CA TRP B 10 -8.79 -7.45 -21.45
C TRP B 10 -8.32 -7.23 -22.90
N PRO B 11 -7.07 -6.77 -23.10
CA PRO B 11 -6.65 -6.47 -24.47
C PRO B 11 -6.47 -7.72 -25.36
N VAL B 12 -6.31 -8.89 -24.74
CA VAL B 12 -6.13 -10.14 -25.46
C VAL B 12 -6.92 -11.26 -24.78
N ASN B 13 -7.02 -12.41 -25.45
CA ASN B 13 -7.62 -13.58 -24.83
C ASN B 13 -6.75 -14.04 -23.68
N VAL B 14 -7.32 -14.84 -22.78
CA VAL B 14 -6.55 -15.30 -21.62
C VAL B 14 -5.52 -16.37 -21.98
N GLY B 15 -5.65 -16.95 -23.18
CA GLY B 15 -4.75 -18.01 -23.61
C GLY B 15 -5.32 -19.39 -23.30
N PRO B 16 -4.56 -20.46 -23.57
CA PRO B 16 -5.06 -21.80 -23.28
C PRO B 16 -5.04 -22.17 -21.80
N LEU B 17 -4.39 -21.32 -21.00
CA LEU B 17 -4.24 -21.51 -19.55
C LEU B 17 -3.48 -22.81 -19.23
N ASN B 18 -2.35 -22.98 -19.92
CA ASN B 18 -1.32 -23.89 -19.46
C ASN B 18 -0.68 -23.24 -18.25
N PRO B 19 -0.71 -23.93 -17.09
CA PRO B 19 -0.19 -23.31 -15.86
C PRO B 19 1.31 -23.12 -15.88
N HIS B 20 1.99 -23.81 -16.80
CA HIS B 20 3.43 -23.90 -16.75
C HIS B 20 4.13 -23.16 -17.88
N LEU B 21 3.36 -22.44 -18.68
CA LEU B 21 3.95 -21.69 -19.78
C LEU B 21 3.60 -20.21 -19.67
N TYR B 22 4.11 -19.42 -20.61
CA TYR B 22 4.05 -17.97 -20.52
C TYR B 22 3.14 -17.44 -21.62
N THR B 23 3.51 -16.33 -22.25
CA THR B 23 2.65 -15.79 -23.31
CA THR B 23 2.73 -15.77 -23.36
C THR B 23 2.37 -16.89 -24.33
N PRO B 24 1.11 -16.94 -24.84
CA PRO B 24 -0.04 -16.03 -24.68
C PRO B 24 -0.88 -16.17 -23.42
N ASN B 25 -0.51 -17.07 -22.51
CA ASN B 25 -1.23 -17.16 -21.24
C ASN B 25 -1.14 -15.86 -20.44
N GLN B 26 -2.29 -15.40 -19.95
CA GLN B 26 -2.33 -14.23 -19.08
C GLN B 26 -2.29 -14.67 -17.62
N MET B 27 -1.32 -14.12 -16.87
CA MET B 27 -1.09 -14.52 -15.49
CA MET B 27 -1.11 -14.54 -15.49
C MET B 27 -2.34 -14.38 -14.60
N PHE B 28 -3.10 -13.31 -14.78
CA PHE B 28 -4.25 -13.12 -13.89
C PHE B 28 -5.23 -14.29 -14.07
N ALA B 29 -5.33 -14.78 -15.30
CA ALA B 29 -6.30 -15.85 -15.60
C ALA B 29 -5.77 -17.20 -15.14
N GLN B 30 -4.46 -17.41 -15.29
CA GLN B 30 -3.84 -18.60 -14.72
C GLN B 30 -4.09 -18.64 -13.21
N SER B 31 -4.02 -17.49 -12.55
CA SER B 31 -4.24 -17.42 -11.11
C SER B 31 -5.70 -17.62 -10.70
N MET B 32 -6.62 -17.47 -11.65
CA MET B 32 -8.04 -17.70 -11.37
C MET B 32 -8.34 -19.19 -11.29
N VAL B 33 -7.59 -19.96 -12.09
CA VAL B 33 -7.83 -21.39 -12.23
C VAL B 33 -6.88 -22.24 -11.39
N TYR B 34 -5.63 -21.81 -11.30
CA TYR B 34 -4.61 -22.59 -10.62
C TYR B 34 -4.15 -21.94 -9.34
N GLU B 35 -3.75 -22.78 -8.38
CA GLU B 35 -3.42 -22.33 -7.05
C GLU B 35 -2.04 -22.81 -6.60
N PRO B 36 -1.41 -22.05 -5.69
CA PRO B 36 -0.08 -22.40 -5.18
C PRO B 36 -0.13 -23.16 -3.86
N LEU B 37 1.00 -23.75 -3.48
CA LEU B 37 1.13 -24.41 -2.19
C LEU B 37 0.96 -23.43 -1.02
N VAL B 38 1.48 -22.22 -1.21
CA VAL B 38 1.37 -21.17 -0.20
C VAL B 38 0.95 -19.88 -0.90
N LYS B 39 0.25 -19.00 -0.18
CA LYS B 39 -0.35 -17.84 -0.83
C LYS B 39 0.26 -16.53 -0.32
N TYR B 40 0.60 -15.64 -1.26
CA TYR B 40 1.28 -14.40 -0.93
C TYR B 40 0.38 -13.40 -0.20
N GLN B 41 0.96 -12.72 0.79
CA GLN B 41 0.24 -11.72 1.56
C GLN B 41 0.82 -10.33 1.34
N ALA B 42 0.00 -9.30 1.51
CA ALA B 42 0.41 -7.92 1.24
C ALA B 42 1.59 -7.49 2.10
N ASP B 43 1.74 -8.09 3.28
CA ASP B 43 2.84 -7.71 4.17
C ASP B 43 4.14 -8.43 3.82
N GLY B 44 4.10 -9.26 2.78
CA GLY B 44 5.32 -9.91 2.29
C GLY B 44 5.49 -11.35 2.72
N SER B 45 4.66 -11.81 3.66
CA SER B 45 4.69 -13.19 4.12
C SER B 45 3.85 -14.07 3.20
N VAL B 46 3.84 -15.37 3.48
CA VAL B 46 2.86 -16.25 2.85
C VAL B 46 2.03 -16.94 3.93
N ILE B 47 0.86 -17.42 3.53
CA ILE B 47 0.01 -18.22 4.41
C ILE B 47 -0.15 -19.60 3.80
N PRO B 48 -0.51 -20.59 4.62
CA PRO B 48 -0.86 -21.91 4.09
C PRO B 48 -1.93 -21.80 3.01
N TRP B 49 -1.79 -22.58 1.95
CA TRP B 49 -2.85 -22.66 0.95
C TRP B 49 -3.10 -24.13 0.62
N LEU B 50 -2.66 -24.60 -0.55
CA LEU B 50 -2.82 -26.01 -0.87
C LEU B 50 -1.97 -26.87 0.08
N ALA B 51 -0.87 -26.30 0.55
CA ALA B 51 -0.11 -26.91 1.64
C ALA B 51 -0.61 -26.33 2.96
N LYS B 52 -1.08 -27.21 3.85
CA LYS B 52 -1.65 -26.77 5.12
C LYS B 52 -0.56 -26.43 6.13
N SER B 53 0.59 -27.08 6.00
CA SER B 53 1.72 -26.87 6.89
C SER B 53 3.00 -27.35 6.24
N TRP B 54 4.14 -26.97 6.81
CA TRP B 54 5.42 -27.44 6.31
C TRP B 54 6.49 -27.39 7.39
N THR B 55 7.52 -28.20 7.20
CA THR B 55 8.71 -28.17 8.03
C THR B 55 9.91 -28.07 7.11
N HIS B 56 11.08 -27.79 7.68
CA HIS B 56 12.30 -27.78 6.89
C HIS B 56 13.47 -28.31 7.70
N SER B 57 14.49 -28.78 7.00
CA SER B 57 15.73 -29.18 7.65
C SER B 57 16.41 -27.93 8.22
N GLU B 58 17.37 -28.13 9.12
CA GLU B 58 18.05 -27.01 9.75
C GLU B 58 19.05 -26.36 8.79
N ASP B 59 19.45 -27.08 7.76
CA ASP B 59 20.31 -26.50 6.73
C ASP B 59 19.46 -25.74 5.72
N GLY B 60 18.15 -25.92 5.82
CA GLY B 60 17.19 -25.17 5.02
C GLY B 60 17.06 -25.63 3.58
N LYS B 61 17.57 -26.82 3.28
CA LYS B 61 17.58 -27.30 1.90
C LYS B 61 16.46 -28.30 1.63
N THR B 62 15.94 -28.93 2.67
CA THR B 62 14.89 -29.94 2.52
C THR B 62 13.60 -29.47 3.17
N TRP B 63 12.55 -29.35 2.36
CA TRP B 63 11.25 -28.92 2.86
C TRP B 63 10.22 -30.02 2.68
N THR B 64 9.39 -30.21 3.70
CA THR B 64 8.33 -31.21 3.65
C THR B 64 6.98 -30.54 3.89
N PHE B 65 6.18 -30.46 2.83
CA PHE B 65 4.88 -29.84 2.90
C PHE B 65 3.79 -30.86 3.18
N THR B 66 2.94 -30.56 4.16
CA THR B 66 1.75 -31.37 4.40
C THR B 66 0.57 -30.71 3.71
N LEU B 67 0.06 -31.37 2.67
CA LEU B 67 -0.99 -30.82 1.85
C LEU B 67 -2.36 -30.97 2.50
N ARG B 68 -3.29 -30.09 2.15
CA ARG B 68 -4.68 -30.30 2.47
C ARG B 68 -5.13 -31.64 1.91
N ASP B 69 -6.08 -32.30 2.56
CA ASP B 69 -6.57 -33.58 2.04
C ASP B 69 -8.01 -33.46 1.53
N ASP B 70 -8.48 -32.23 1.41
CA ASP B 70 -9.88 -31.99 1.06
C ASP B 70 -10.04 -31.24 -0.25
N VAL B 71 -8.99 -31.20 -1.05
CA VAL B 71 -8.98 -30.40 -2.27
C VAL B 71 -9.19 -31.22 -3.54
N LYS B 72 -10.12 -30.77 -4.36
CA LYS B 72 -10.37 -31.44 -5.64
C LYS B 72 -10.08 -30.49 -6.80
N PHE B 73 -9.53 -31.04 -7.88
CA PHE B 73 -9.53 -30.34 -9.16
C PHE B 73 -10.98 -30.13 -9.57
N SER B 74 -11.24 -29.19 -10.46
CA SER B 74 -12.63 -28.83 -10.79
C SER B 74 -13.40 -29.97 -11.46
N ASN B 75 -12.70 -31.00 -11.91
CA ASN B 75 -13.36 -32.16 -12.51
C ASN B 75 -13.60 -33.28 -11.51
N GLY B 76 -13.35 -33.00 -10.23
CA GLY B 76 -13.60 -33.97 -9.17
C GLY B 76 -12.39 -34.78 -8.75
N GLU B 77 -11.36 -34.80 -9.60
CA GLU B 77 -10.17 -35.59 -9.30
C GLU B 77 -9.40 -34.99 -8.12
N PRO B 78 -8.75 -35.85 -7.32
CA PRO B 78 -8.16 -35.37 -6.07
C PRO B 78 -6.81 -34.67 -6.27
N PHE B 79 -6.61 -33.59 -5.54
CA PHE B 79 -5.28 -33.01 -5.43
C PHE B 79 -4.56 -33.69 -4.27
N ASP B 80 -3.44 -34.33 -4.58
CA ASP B 80 -2.63 -34.97 -3.55
C ASP B 80 -1.14 -34.78 -3.87
N ALA B 81 -0.28 -35.33 -3.04
CA ALA B 81 1.16 -35.16 -3.19
C ALA B 81 1.66 -35.69 -4.52
N GLU B 82 1.02 -36.75 -5.02
CA GLU B 82 1.43 -37.32 -6.31
C GLU B 82 1.11 -36.37 -7.45
N ALA B 83 -0.06 -35.73 -7.39
CA ALA B 83 -0.42 -34.76 -8.42
C ALA B 83 0.54 -33.57 -8.37
N ALA B 84 0.88 -33.15 -7.16
CA ALA B 84 1.79 -32.02 -6.98
C ALA B 84 3.18 -32.32 -7.55
N ALA B 85 3.72 -33.48 -7.20
CA ALA B 85 5.04 -33.88 -7.66
C ALA B 85 5.09 -34.04 -9.18
N GLU B 86 3.99 -34.54 -9.75
CA GLU B 86 3.89 -34.67 -11.19
C GLU B 86 3.96 -33.30 -11.87
N ASN B 87 3.34 -32.31 -11.25
CA ASN B 87 3.40 -30.94 -11.77
C ASN B 87 4.80 -30.37 -11.69
N PHE B 88 5.47 -30.58 -10.57
CA PHE B 88 6.85 -30.10 -10.44
C PHE B 88 7.74 -30.76 -11.47
N ARG B 89 7.57 -32.06 -11.70
CA ARG B 89 8.33 -32.74 -12.73
C ARG B 89 8.07 -32.13 -14.10
N ALA B 90 6.80 -31.90 -14.42
CA ALA B 90 6.42 -31.35 -15.72
C ALA B 90 7.04 -29.97 -15.95
N VAL B 91 7.04 -29.15 -14.90
CA VAL B 91 7.64 -27.82 -14.98
C VAL B 91 9.15 -27.93 -15.20
N LEU B 92 9.79 -28.76 -14.40
CA LEU B 92 11.26 -28.84 -14.42
C LEU B 92 11.81 -29.65 -15.59
N ASP B 93 10.94 -30.36 -16.29
CA ASP B 93 11.32 -30.96 -17.58
C ASP B 93 11.61 -29.85 -18.60
N ASN B 94 11.14 -28.65 -18.29
CA ASN B 94 11.31 -27.48 -19.15
C ASN B 94 12.08 -26.41 -18.38
N ARG B 95 13.05 -26.84 -17.57
CA ARG B 95 13.74 -25.97 -16.60
C ARG B 95 14.37 -24.72 -17.22
N GLN B 96 14.99 -24.89 -18.38
CA GLN B 96 15.69 -23.81 -19.08
C GLN B 96 14.78 -22.60 -19.34
N ARG B 97 13.52 -22.87 -19.68
CA ARG B 97 12.55 -21.82 -19.94
C ARG B 97 12.26 -20.96 -18.70
N HIS B 98 12.47 -21.54 -17.52
CA HIS B 98 12.19 -20.84 -16.27
C HIS B 98 13.46 -20.29 -15.60
N ALA B 99 14.53 -20.13 -16.38
CA ALA B 99 15.83 -19.74 -15.83
C ALA B 99 15.79 -18.38 -15.13
N TRP B 100 14.93 -17.49 -15.61
CA TRP B 100 14.75 -16.17 -15.01
C TRP B 100 14.39 -16.27 -13.53
N LEU B 101 13.75 -17.38 -13.15
CA LEU B 101 13.28 -17.58 -11.79
C LEU B 101 14.21 -18.53 -11.05
N GLU B 102 14.92 -18.01 -10.06
CA GLU B 102 16.02 -18.78 -9.46
C GLU B 102 15.54 -20.07 -8.76
N LEU B 103 14.30 -20.10 -8.29
CA LEU B 103 13.78 -21.32 -7.68
C LEU B 103 13.89 -22.48 -8.65
N ALA B 104 13.62 -22.23 -9.92
CA ALA B 104 13.67 -23.26 -10.94
C ALA B 104 15.08 -23.84 -11.07
N ASN B 105 16.07 -23.03 -10.71
CA ASN B 105 17.46 -23.47 -10.72
C ASN B 105 17.82 -24.19 -9.44
N GLN B 106 17.08 -23.90 -8.37
CA GLN B 106 17.41 -24.39 -7.03
C GLN B 106 16.88 -25.79 -6.73
N ILE B 107 15.73 -26.14 -7.29
CA ILE B 107 15.09 -27.42 -6.97
C ILE B 107 15.87 -28.59 -7.58
N VAL B 108 16.33 -29.50 -6.72
CA VAL B 108 17.02 -30.68 -7.20
C VAL B 108 16.10 -31.91 -7.18
N ASP B 109 15.18 -31.96 -6.23
CA ASP B 109 14.29 -33.10 -6.13
C ASP B 109 12.93 -32.76 -5.54
N VAL B 110 11.88 -33.36 -6.12
CA VAL B 110 10.55 -33.30 -5.54
C VAL B 110 9.95 -34.70 -5.56
N LYS B 111 9.48 -35.18 -4.42
CA LYS B 111 8.91 -36.51 -4.34
C LYS B 111 7.78 -36.57 -3.33
N ALA B 112 6.79 -37.41 -3.61
CA ALA B 112 5.66 -37.61 -2.70
C ALA B 112 6.00 -38.67 -1.66
N LEU B 113 6.15 -38.26 -0.42
CA LEU B 113 6.46 -39.19 0.66
C LEU B 113 5.23 -40.03 1.01
N SER B 114 4.05 -39.42 0.87
CA SER B 114 2.79 -40.11 1.10
C SER B 114 1.73 -39.44 0.23
N LYS B 115 0.47 -39.67 0.58
CA LYS B 115 -0.64 -39.05 -0.15
C LYS B 115 -0.71 -37.56 0.17
N THR B 116 -0.26 -37.17 1.36
CA THR B 116 -0.36 -35.78 1.80
C THR B 116 0.98 -35.10 2.07
N GLU B 117 2.09 -35.83 1.96
CA GLU B 117 3.39 -35.24 2.26
C GLU B 117 4.26 -35.12 1.01
N LEU B 118 4.62 -33.87 0.70
CA LEU B 118 5.40 -33.55 -0.47
C LEU B 118 6.76 -33.00 -0.05
N GLN B 119 7.83 -33.66 -0.48
CA GLN B 119 9.17 -33.24 -0.09
C GLN B 119 9.91 -32.54 -1.23
N ILE B 120 10.39 -31.33 -0.96
CA ILE B 120 11.16 -30.57 -1.94
C ILE B 120 12.57 -30.33 -1.43
N THR B 121 13.55 -30.68 -2.27
CA THR B 121 14.96 -30.51 -1.90
C THR B 121 15.63 -29.46 -2.77
N LEU B 122 16.41 -28.59 -2.13
CA LEU B 122 17.03 -27.46 -2.81
C LEU B 122 18.56 -27.56 -2.88
N LYS B 123 19.14 -26.97 -3.91
CA LYS B 123 20.59 -26.86 -4.04
C LYS B 123 21.19 -26.17 -2.82
N SER B 124 20.50 -25.13 -2.37
CA SER B 124 20.97 -24.32 -1.25
C SER B 124 19.79 -23.69 -0.53
N ALA B 125 20.06 -23.06 0.61
CA ALA B 125 18.99 -22.43 1.39
C ALA B 125 18.55 -21.13 0.75
N TYR B 126 17.46 -21.18 0.01
CA TYR B 126 17.01 -20.09 -0.83
C TYR B 126 15.96 -19.22 -0.14
N TYR B 127 16.32 -17.97 0.16
CA TYR B 127 15.44 -17.15 0.99
C TYR B 127 14.08 -16.80 0.34
N PRO B 128 14.02 -16.62 -0.99
CA PRO B 128 12.68 -16.32 -1.53
C PRO B 128 11.85 -17.56 -1.87
N PHE B 129 12.26 -18.73 -1.37
CA PHE B 129 11.61 -20.01 -1.68
C PHE B 129 10.08 -19.98 -1.66
N LEU B 130 9.50 -19.59 -0.53
CA LEU B 130 8.05 -19.60 -0.39
C LEU B 130 7.38 -18.55 -1.27
N GLN B 131 7.98 -17.37 -1.39
CA GLN B 131 7.39 -16.31 -2.20
C GLN B 131 7.32 -16.72 -3.66
N GLU B 132 8.28 -17.50 -4.12
CA GLU B 132 8.32 -17.89 -5.53
C GLU B 132 7.41 -19.09 -5.79
N LEU B 133 7.14 -19.89 -4.75
CA LEU B 133 6.10 -20.90 -4.85
C LEU B 133 4.72 -20.26 -4.98
N ALA B 134 4.58 -19.04 -4.45
CA ALA B 134 3.30 -18.34 -4.41
C ALA B 134 2.95 -17.64 -5.73
N LEU B 135 3.91 -17.58 -6.65
CA LEU B 135 3.73 -16.83 -7.89
C LEU B 135 2.65 -17.44 -8.79
N PRO B 136 2.03 -16.62 -9.65
CA PRO B 136 1.02 -17.11 -10.60
C PRO B 136 1.49 -18.31 -11.42
N ARG B 137 2.77 -18.31 -11.77
CA ARG B 137 3.36 -19.37 -12.57
C ARG B 137 4.88 -19.38 -12.33
N PRO B 138 5.54 -20.54 -12.51
CA PRO B 138 5.03 -21.80 -13.07
C PRO B 138 4.61 -22.86 -12.05
N PHE B 139 4.75 -22.61 -10.75
CA PHE B 139 4.57 -23.70 -9.78
C PHE B 139 3.16 -23.82 -9.22
N ARG B 140 2.18 -23.85 -10.12
CA ARG B 140 0.80 -24.13 -9.74
C ARG B 140 0.30 -25.39 -10.46
N PHE B 141 -0.88 -25.86 -10.08
CA PHE B 141 -1.20 -27.27 -10.30
C PHE B 141 -2.41 -27.58 -11.18
N ILE B 142 -2.14 -28.29 -12.26
CA ILE B 142 -3.18 -28.78 -13.17
C ILE B 142 -3.37 -30.28 -12.90
N ALA B 143 -4.60 -30.77 -13.08
CA ALA B 143 -4.87 -32.20 -12.97
C ALA B 143 -3.96 -32.96 -13.93
N PRO B 144 -3.17 -33.90 -13.40
CA PRO B 144 -2.22 -34.68 -14.21
C PRO B 144 -2.89 -35.44 -15.36
N SER B 145 -4.20 -35.66 -15.26
CA SER B 145 -4.95 -36.32 -16.33
C SER B 145 -5.00 -35.46 -17.57
N GLN B 146 -4.69 -34.18 -17.41
CA GLN B 146 -4.73 -33.24 -18.51
C GLN B 146 -3.35 -32.96 -19.10
N PHE B 147 -2.33 -33.66 -18.60
CA PHE B 147 -1.02 -33.66 -19.25
C PHE B 147 -1.17 -34.23 -20.65
N LYS B 148 -0.23 -33.90 -21.53
CA LYS B 148 -0.12 -34.59 -22.81
C LYS B 148 1.17 -35.38 -22.83
N ASN B 149 1.05 -36.71 -23.01
CA ASN B 149 2.21 -37.59 -23.00
C ASN B 149 3.08 -37.36 -21.77
N HIS B 150 2.40 -37.21 -20.62
CA HIS B 150 3.04 -37.06 -19.32
C HIS B 150 3.83 -35.76 -19.18
N GLU B 151 3.49 -34.78 -20.01
CA GLU B 151 4.17 -33.48 -19.99
C GLU B 151 3.17 -32.34 -20.07
N THR B 152 3.62 -31.12 -19.78
CA THR B 152 2.80 -29.94 -20.01
C THR B 152 3.53 -28.96 -20.94
N MET B 153 4.83 -29.15 -21.11
CA MET B 153 5.64 -28.18 -21.86
C MET B 153 5.26 -28.10 -23.33
N ASN B 154 4.59 -29.14 -23.84
CA ASN B 154 4.18 -29.19 -25.24
C ASN B 154 2.70 -28.92 -25.43
N GLY B 155 2.02 -28.60 -24.34
CA GLY B 155 0.59 -28.37 -24.36
C GLY B 155 -0.14 -29.19 -23.31
N ILE B 156 -1.39 -28.80 -23.04
CA ILE B 156 -2.26 -29.52 -22.13
C ILE B 156 -3.58 -29.86 -22.83
N LYS B 157 -4.41 -30.67 -22.18
CA LYS B 157 -5.73 -30.97 -22.71
C LYS B 157 -6.71 -29.90 -22.22
N ALA B 158 -7.41 -30.17 -21.12
CA ALA B 158 -8.27 -29.15 -20.51
C ALA B 158 -7.54 -28.44 -19.37
N PRO B 159 -7.76 -27.12 -19.24
CA PRO B 159 -7.10 -26.35 -18.18
C PRO B 159 -7.76 -26.57 -16.80
N ILE B 160 -7.58 -27.76 -16.25
CA ILE B 160 -8.28 -28.15 -15.03
C ILE B 160 -7.45 -27.89 -13.78
N GLY B 161 -7.85 -26.90 -13.00
CA GLY B 161 -7.17 -26.58 -11.76
C GLY B 161 -8.02 -26.75 -10.53
N THR B 162 -7.52 -26.29 -9.39
CA THR B 162 -8.23 -26.39 -8.12
C THR B 162 -8.92 -25.09 -7.74
N GLY B 163 -8.70 -24.05 -8.55
CA GLY B 163 -9.11 -22.70 -8.18
C GLY B 163 -10.60 -22.43 -8.18
N PRO B 164 -10.99 -21.23 -7.75
CA PRO B 164 -12.41 -20.88 -7.63
C PRO B 164 -13.09 -20.59 -8.98
N TRP B 165 -12.31 -20.53 -10.06
CA TRP B 165 -12.86 -20.26 -11.39
C TRP B 165 -12.54 -21.35 -12.41
N ILE B 166 -13.49 -21.58 -13.31
CA ILE B 166 -13.32 -22.56 -14.38
C ILE B 166 -13.47 -21.88 -15.73
N LEU B 167 -12.49 -22.07 -16.61
CA LEU B 167 -12.60 -21.53 -17.96
C LEU B 167 -13.63 -22.34 -18.74
N GLN B 168 -14.75 -21.70 -19.06
CA GLN B 168 -15.85 -22.42 -19.69
C GLN B 168 -15.82 -22.31 -21.22
N GLU B 169 -15.50 -21.13 -21.72
CA GLU B 169 -15.56 -20.89 -23.16
C GLU B 169 -14.55 -19.84 -23.60
N SER B 170 -13.93 -20.08 -24.75
CA SER B 170 -12.98 -19.15 -25.33
C SER B 170 -13.26 -18.96 -26.80
N LYS B 171 -13.24 -17.71 -27.26
CA LYS B 171 -13.32 -17.42 -28.69
C LYS B 171 -12.23 -16.42 -29.07
N LEU B 172 -11.34 -16.85 -29.95
CA LEU B 172 -10.20 -16.05 -30.38
C LEU B 172 -10.62 -14.64 -30.83
N ASN B 173 -9.99 -13.64 -30.22
CA ASN B 173 -10.22 -12.22 -30.55
C ASN B 173 -11.62 -11.73 -30.19
N GLN B 174 -12.37 -12.51 -29.42
CA GLN B 174 -13.72 -12.11 -29.05
CA GLN B 174 -13.72 -12.11 -29.05
C GLN B 174 -13.94 -12.12 -27.54
N TYR B 175 -13.83 -13.29 -26.92
CA TYR B 175 -14.08 -13.36 -25.48
C TYR B 175 -13.56 -14.62 -24.80
N ASP B 176 -13.54 -14.56 -23.47
CA ASP B 176 -13.34 -15.73 -22.63
C ASP B 176 -14.40 -15.69 -21.53
N VAL B 177 -14.98 -16.84 -21.22
CA VAL B 177 -15.99 -16.93 -20.17
C VAL B 177 -15.54 -17.86 -19.06
N PHE B 178 -15.57 -17.37 -17.83
CA PHE B 178 -15.31 -18.17 -16.64
C PHE B 178 -16.60 -18.36 -15.84
N VAL B 179 -16.75 -19.53 -15.23
CA VAL B 179 -17.81 -19.72 -14.26
C VAL B 179 -17.23 -20.14 -12.92
N ARG B 180 -17.94 -19.80 -11.85
CA ARG B 180 -17.54 -20.20 -10.51
C ARG B 180 -17.43 -21.71 -10.37
N ASN B 181 -16.36 -22.15 -9.71
CA ASN B 181 -16.19 -23.55 -9.38
C ASN B 181 -17.05 -23.88 -8.17
N GLU B 182 -18.16 -24.58 -8.41
CA GLU B 182 -19.13 -24.87 -7.35
C GLU B 182 -18.57 -25.88 -6.34
N ASN B 183 -17.46 -26.53 -6.70
CA ASN B 183 -16.83 -27.51 -5.83
C ASN B 183 -15.47 -27.05 -5.33
N TYR B 184 -15.31 -25.74 -5.21
CA TYR B 184 -14.06 -25.17 -4.71
C TYR B 184 -13.88 -25.51 -3.22
N TRP B 185 -12.65 -25.81 -2.83
CA TRP B 185 -12.37 -26.21 -1.45
C TRP B 185 -12.52 -25.06 -0.46
N GLY B 186 -12.32 -23.83 -0.93
CA GLY B 186 -12.39 -22.68 -0.04
C GLY B 186 -13.72 -21.95 -0.12
N GLU B 187 -13.68 -20.66 0.18
CA GLU B 187 -14.88 -19.83 0.17
C GLU B 187 -15.44 -19.66 -1.23
N LYS B 188 -16.75 -19.82 -1.36
CA LYS B 188 -17.44 -19.62 -2.62
C LYS B 188 -17.46 -18.16 -3.03
N PRO B 189 -17.07 -17.85 -4.28
CA PRO B 189 -17.18 -16.49 -4.78
C PRO B 189 -18.64 -16.04 -4.89
N ALA B 190 -18.90 -14.76 -4.64
CA ALA B 190 -20.24 -14.22 -4.79
C ALA B 190 -20.65 -14.20 -6.27
N ILE B 191 -19.67 -13.94 -7.13
CA ILE B 191 -19.91 -13.88 -8.57
C ILE B 191 -19.94 -15.28 -9.17
N LYS B 192 -20.93 -15.54 -10.03
CA LYS B 192 -21.14 -16.86 -10.62
C LYS B 192 -20.51 -17.01 -11.99
N LYS B 193 -20.46 -15.91 -12.74
CA LYS B 193 -19.89 -15.93 -14.09
C LYS B 193 -19.16 -14.63 -14.42
N ILE B 194 -18.00 -14.77 -15.08
CA ILE B 194 -17.25 -13.61 -15.53
C ILE B 194 -16.92 -13.75 -17.00
N THR B 195 -17.34 -12.77 -17.79
CA THR B 195 -17.07 -12.74 -19.22
C THR B 195 -16.03 -11.67 -19.51
N PHE B 196 -14.95 -12.07 -20.18
CA PHE B 196 -13.93 -11.12 -20.62
C PHE B 196 -14.10 -10.81 -22.10
N ASN B 197 -14.49 -9.58 -22.42
CA ASN B 197 -14.48 -9.14 -23.81
C ASN B 197 -13.07 -8.72 -24.22
N VAL B 198 -12.59 -9.26 -25.34
CA VAL B 198 -11.29 -8.87 -25.86
C VAL B 198 -11.39 -7.50 -26.54
N ILE B 199 -10.79 -6.50 -25.91
CA ILE B 199 -10.83 -5.13 -26.41
C ILE B 199 -9.45 -4.50 -26.32
N PRO B 200 -8.67 -4.55 -27.41
CA PRO B 200 -7.29 -4.08 -27.33
C PRO B 200 -7.11 -2.56 -27.23
N ASP B 201 -8.11 -1.80 -27.68
CA ASP B 201 -8.00 -0.34 -27.74
C ASP B 201 -8.43 0.29 -26.42
N PRO B 202 -7.56 1.10 -25.78
CA PRO B 202 -7.95 1.71 -24.50
C PRO B 202 -9.15 2.66 -24.60
N THR B 203 -9.27 3.38 -25.71
CA THR B 203 -10.42 4.26 -25.88
C THR B 203 -11.71 3.44 -26.04
N THR B 204 -11.61 2.31 -26.73
CA THR B 204 -12.76 1.44 -26.90
C THR B 204 -13.14 0.79 -25.57
N ARG B 205 -12.15 0.50 -24.73
CA ARG B 205 -12.47 -0.02 -23.40
C ARG B 205 -13.27 1.01 -22.62
N ALA B 206 -12.88 2.28 -22.75
CA ALA B 206 -13.59 3.36 -22.07
C ALA B 206 -15.04 3.47 -22.55
N VAL B 207 -15.25 3.35 -23.86
CA VAL B 207 -16.61 3.41 -24.41
C VAL B 207 -17.43 2.21 -23.96
N ALA B 208 -16.83 1.02 -24.05
CA ALA B 208 -17.50 -0.20 -23.60
C ALA B 208 -17.99 -0.06 -22.17
N PHE B 209 -17.19 0.57 -21.32
CA PHE B 209 -17.66 0.81 -19.97
C PHE B 209 -18.79 1.84 -19.92
N GLU B 210 -18.61 2.98 -20.59
CA GLU B 210 -19.55 4.08 -20.41
C GLU B 210 -20.93 3.75 -20.99
N THR B 211 -20.96 2.87 -21.99
CA THR B 211 -22.26 2.44 -22.52
C THR B 211 -22.92 1.38 -21.65
N GLY B 212 -22.16 0.79 -20.73
CA GLY B 212 -22.66 -0.28 -19.90
C GLY B 212 -22.51 -1.66 -20.51
N ASP B 213 -21.81 -1.74 -21.64
CA ASP B 213 -21.55 -3.01 -22.29
C ASP B 213 -20.71 -3.92 -21.40
N ILE B 214 -19.77 -3.33 -20.67
CA ILE B 214 -19.02 -4.06 -19.66
C ILE B 214 -19.25 -3.38 -18.31
N ASP B 215 -18.96 -4.11 -17.24
CA ASP B 215 -19.26 -3.64 -15.88
C ASP B 215 -18.05 -3.12 -15.11
N LEU B 216 -16.87 -3.50 -15.59
CA LEU B 216 -15.65 -3.37 -14.79
C LEU B 216 -14.41 -3.27 -15.67
N LEU B 217 -13.54 -2.32 -15.34
CA LEU B 217 -12.21 -2.22 -15.91
C LEU B 217 -11.19 -2.25 -14.78
N TYR B 218 -10.16 -3.07 -14.94
CA TYR B 218 -9.14 -3.29 -13.91
C TYR B 218 -7.80 -3.49 -14.61
N GLY B 219 -6.82 -2.64 -14.31
CA GLY B 219 -5.52 -2.77 -14.95
C GLY B 219 -4.59 -1.67 -14.53
N ASN B 220 -3.47 -1.56 -15.23
CA ASN B 220 -2.46 -0.57 -14.87
C ASN B 220 -2.71 0.76 -15.59
N GLU B 221 -1.66 1.56 -15.74
CA GLU B 221 -1.82 2.90 -16.27
C GLU B 221 -2.30 2.93 -17.72
N GLY B 222 -2.23 1.79 -18.39
CA GLY B 222 -2.69 1.68 -19.77
C GLY B 222 -4.14 1.26 -19.91
N LEU B 223 -4.84 1.15 -18.78
CA LEU B 223 -6.21 0.64 -18.77
C LEU B 223 -7.15 1.41 -19.71
N LEU B 224 -7.12 2.73 -19.62
CA LEU B 224 -7.98 3.59 -20.43
C LEU B 224 -7.32 4.97 -20.49
N PRO B 225 -7.79 5.84 -21.41
CA PRO B 225 -7.19 7.18 -21.45
C PRO B 225 -7.33 7.87 -20.10
N LEU B 226 -6.27 8.52 -19.65
CA LEU B 226 -6.25 9.01 -18.27
C LEU B 226 -7.05 10.29 -18.11
N ASP B 227 -7.24 11.03 -19.20
CA ASP B 227 -8.14 12.18 -19.14
C ASP B 227 -9.58 11.69 -19.01
N THR B 228 -9.89 10.59 -19.69
CA THR B 228 -11.22 9.99 -19.57
C THR B 228 -11.42 9.48 -18.15
N PHE B 229 -10.39 8.83 -17.62
CA PHE B 229 -10.44 8.35 -16.24
C PHE B 229 -10.73 9.49 -15.27
N ALA B 230 -10.03 10.61 -15.45
CA ALA B 230 -10.25 11.80 -14.64
C ALA B 230 -11.70 12.29 -14.71
N ARG B 231 -12.26 12.33 -15.92
CA ARG B 231 -13.66 12.71 -16.09
C ARG B 231 -14.58 11.73 -15.38
N PHE B 232 -14.30 10.43 -15.54
CA PHE B 232 -15.09 9.38 -14.88
C PHE B 232 -15.11 9.60 -13.37
N SER B 233 -13.97 9.95 -12.79
CA SER B 233 -13.85 10.10 -11.34
C SER B 233 -14.75 11.22 -10.79
N GLN B 234 -15.15 12.14 -11.65
CA GLN B 234 -15.99 13.26 -11.22
C GLN B 234 -17.48 13.01 -11.46
N ASN B 235 -17.81 11.84 -11.97
CA ASN B 235 -19.21 11.52 -12.31
C ASN B 235 -19.77 10.44 -11.41
N PRO B 236 -20.78 10.79 -10.59
CA PRO B 236 -21.38 9.83 -9.66
C PRO B 236 -22.07 8.64 -10.34
N ALA B 237 -22.28 8.71 -11.65
CA ALA B 237 -22.86 7.59 -12.38
C ALA B 237 -21.87 6.43 -12.45
N TYR B 238 -20.59 6.75 -12.23
CA TYR B 238 -19.52 5.77 -12.31
C TYR B 238 -18.77 5.66 -10.99
N HIS B 239 -17.94 4.63 -10.86
CA HIS B 239 -17.04 4.49 -9.72
C HIS B 239 -15.60 4.33 -10.24
N THR B 240 -14.67 5.07 -9.65
CA THR B 240 -13.27 4.93 -10.03
C THR B 240 -12.39 4.73 -8.80
N GLN B 241 -11.24 4.08 -9.01
CA GLN B 241 -10.26 3.88 -7.94
C GLN B 241 -8.86 3.98 -8.51
N LEU B 242 -7.93 4.40 -7.66
CA LEU B 242 -6.52 4.50 -7.99
C LEU B 242 -5.77 3.91 -6.80
N SER B 243 -4.99 2.85 -7.01
CA SER B 243 -4.29 2.22 -5.89
C SER B 243 -3.05 3.02 -5.51
N GLN B 244 -2.39 2.65 -4.43
CA GLN B 244 -1.06 3.14 -4.15
CA GLN B 244 -1.07 3.17 -4.16
C GLN B 244 -0.13 2.55 -5.20
N PRO B 245 1.00 3.22 -5.49
CA PRO B 245 1.86 2.71 -6.57
C PRO B 245 2.27 1.26 -6.40
N ILE B 246 2.34 0.52 -7.52
CA ILE B 246 2.70 -0.89 -7.49
C ILE B 246 4.06 -1.21 -8.11
N GLU B 247 4.50 -0.40 -9.06
CA GLU B 247 5.75 -0.69 -9.77
C GLU B 247 6.26 0.53 -10.51
N THR B 248 7.48 0.42 -11.02
CA THR B 248 8.13 1.52 -11.72
C THR B 248 7.99 1.43 -13.24
N VAL B 249 7.72 2.56 -13.88
CA VAL B 249 7.85 2.65 -15.33
C VAL B 249 9.08 3.51 -15.62
N MET B 250 9.89 3.07 -16.58
CA MET B 250 11.15 3.73 -16.83
CA MET B 250 11.26 3.50 -16.76
C MET B 250 11.68 3.47 -18.23
N LEU B 251 12.75 4.18 -18.59
CA LEU B 251 13.47 3.86 -19.81
C LEU B 251 14.64 2.98 -19.41
N ALA B 252 14.98 2.01 -20.25
CA ALA B 252 16.25 1.32 -20.13
C ALA B 252 17.18 1.89 -21.18
N LEU B 253 18.39 2.26 -20.77
CA LEU B 253 19.38 2.86 -21.66
C LEU B 253 20.46 1.83 -22.01
N ASN B 254 20.77 1.66 -23.29
CA ASN B 254 21.73 0.61 -23.67
C ASN B 254 23.18 1.08 -23.45
N THR B 255 23.81 0.52 -22.43
CA THR B 255 25.17 0.91 -22.07
C THR B 255 26.21 0.34 -23.04
N ALA B 256 25.77 -0.50 -23.96
CA ALA B 256 26.67 -1.14 -24.92
C ALA B 256 26.49 -0.62 -26.34
N LYS B 257 25.71 0.44 -26.51
CA LYS B 257 25.48 1.02 -27.83
C LYS B 257 25.66 2.53 -27.82
N ALA B 258 26.49 3.04 -28.71
CA ALA B 258 26.66 4.48 -28.86
C ALA B 258 25.33 5.16 -29.17
N PRO B 259 25.10 6.35 -28.60
CA PRO B 259 25.97 7.08 -27.68
C PRO B 259 25.62 6.86 -26.20
N THR B 260 24.63 5.99 -25.95
CA THR B 260 24.24 5.71 -24.56
C THR B 260 25.26 4.81 -23.86
N ASN B 261 26.31 4.41 -24.56
CA ASN B 261 27.40 3.70 -23.90
C ASN B 261 28.22 4.65 -23.00
N GLU B 262 28.05 5.95 -23.19
CA GLU B 262 28.75 6.94 -22.38
C GLU B 262 27.96 7.32 -21.14
N LEU B 263 28.58 7.12 -19.97
CA LEU B 263 27.99 7.48 -18.69
C LEU B 263 27.47 8.93 -18.65
N ALA B 264 28.26 9.86 -19.18
CA ALA B 264 27.90 11.27 -19.15
C ALA B 264 26.62 11.53 -19.97
N VAL B 265 26.46 10.80 -21.06
CA VAL B 265 25.24 10.90 -21.85
C VAL B 265 24.05 10.37 -21.05
N ARG B 266 24.21 9.20 -20.44
CA ARG B 266 23.11 8.62 -19.67
C ARG B 266 22.74 9.52 -18.49
N GLU B 267 23.75 10.08 -17.83
CA GLU B 267 23.50 11.03 -16.75
C GLU B 267 22.76 12.27 -17.25
N ALA B 268 23.17 12.80 -18.41
CA ALA B 268 22.53 13.98 -18.97
C ALA B 268 21.07 13.69 -19.29
N LEU B 269 20.81 12.52 -19.87
CA LEU B 269 19.44 12.11 -20.17
C LEU B 269 18.58 12.06 -18.91
N ASN B 270 19.18 11.64 -17.81
CA ASN B 270 18.47 11.52 -16.55
C ASN B 270 18.18 12.87 -15.90
N TYR B 271 18.83 13.91 -16.40
CA TYR B 271 18.54 15.27 -15.96
C TYR B 271 17.60 16.00 -16.93
N ALA B 272 17.39 15.43 -18.11
CA ALA B 272 16.75 16.15 -19.21
C ALA B 272 15.22 16.13 -19.19
N VAL B 273 14.63 15.12 -18.55
CA VAL B 273 13.17 14.97 -18.60
C VAL B 273 12.48 15.70 -17.46
N ASN B 274 11.49 16.54 -17.80
CA ASN B 274 10.63 17.13 -16.80
C ASN B 274 9.55 16.13 -16.42
N LYS B 275 9.83 15.31 -15.42
CA LYS B 275 8.95 14.18 -15.09
C LYS B 275 7.60 14.66 -14.56
N LYS B 276 7.62 15.71 -13.76
CA LYS B 276 6.37 16.25 -13.21
C LYS B 276 5.45 16.70 -14.34
N SER B 277 6.00 17.41 -15.32
CA SER B 277 5.22 17.87 -16.46
C SER B 277 4.79 16.72 -17.36
N LEU B 278 5.65 15.72 -17.51
CA LEU B 278 5.35 14.56 -18.34
C LEU B 278 4.13 13.81 -17.82
N ILE B 279 4.11 13.63 -16.51
CA ILE B 279 2.99 12.97 -15.86
C ILE B 279 1.73 13.83 -16.03
N ASP B 280 1.89 15.15 -16.01
CA ASP B 280 0.72 16.02 -16.20
C ASP B 280 0.15 15.92 -17.62
N ASN B 281 1.02 15.71 -18.61
CA ASN B 281 0.61 15.83 -19.99
C ASN B 281 0.22 14.51 -20.63
N ALA B 282 0.90 13.43 -20.26
CA ALA B 282 0.62 12.13 -20.84
C ALA B 282 -0.22 11.27 -19.91
N LEU B 283 -0.14 11.59 -18.61
CA LEU B 283 -0.78 10.77 -17.59
CA LEU B 283 -0.76 10.77 -17.58
C LEU B 283 -1.79 11.56 -16.76
N TYR B 284 -2.21 12.71 -17.31
CA TYR B 284 -3.11 13.66 -16.65
C TYR B 284 -2.96 13.73 -15.13
N GLY B 285 -1.71 13.70 -14.68
CA GLY B 285 -1.38 13.91 -13.28
C GLY B 285 -1.78 12.82 -12.30
N THR B 286 -2.01 11.60 -12.78
CA THR B 286 -2.55 10.53 -11.94
C THR B 286 -1.50 9.66 -11.28
N GLN B 287 -0.26 9.74 -11.74
CA GLN B 287 0.79 8.88 -11.21
CA GLN B 287 0.84 8.90 -11.25
C GLN B 287 1.86 9.68 -10.45
N GLN B 288 2.84 8.99 -9.88
CA GLN B 288 3.91 9.65 -9.11
C GLN B 288 5.24 9.69 -9.84
N VAL B 289 6.01 10.74 -9.62
CA VAL B 289 7.35 10.85 -10.20
C VAL B 289 8.30 9.82 -9.59
N ALA B 290 9.07 9.14 -10.44
CA ALA B 290 10.07 8.18 -9.96
C ALA B 290 11.49 8.74 -10.09
N ASP B 291 12.28 8.63 -9.02
CA ASP B 291 13.68 9.05 -9.04
C ASP B 291 14.63 7.86 -9.10
N THR B 292 14.15 6.70 -8.66
CA THR B 292 14.99 5.51 -8.55
C THR B 292 14.31 4.31 -9.18
N LEU B 293 15.10 3.34 -9.62
CA LEU B 293 14.58 2.08 -10.17
C LEU B 293 13.47 1.48 -9.31
N PHE B 294 13.71 1.41 -8.01
CA PHE B 294 12.67 0.98 -7.07
C PHE B 294 12.29 2.12 -6.15
N ALA B 295 10.99 2.28 -5.92
CA ALA B 295 10.50 3.25 -4.94
C ALA B 295 11.10 2.93 -3.58
N PRO B 296 11.32 3.96 -2.76
CA PRO B 296 11.89 3.76 -1.42
C PRO B 296 11.09 2.81 -0.54
N SER B 297 9.81 2.59 -0.85
CA SER B 297 8.96 1.69 -0.05
C SER B 297 9.12 0.21 -0.41
N VAL B 298 9.85 -0.06 -1.48
CA VAL B 298 10.14 -1.43 -1.90
C VAL B 298 11.11 -2.06 -0.90
N PRO B 299 10.91 -3.34 -0.57
CA PRO B 299 11.86 -4.01 0.35
C PRO B 299 13.30 -3.84 -0.09
N TYR B 300 14.17 -3.55 0.89
CA TYR B 300 15.62 -3.42 0.70
C TYR B 300 16.05 -2.23 -0.15
N ALA B 301 15.09 -1.36 -0.48
CA ALA B 301 15.35 -0.28 -1.44
C ALA B 301 15.40 1.13 -0.84
N ASN B 302 15.20 1.25 0.47
CA ASN B 302 15.28 2.59 1.07
C ASN B 302 16.74 2.90 1.37
N LEU B 303 17.44 3.40 0.37
CA LEU B 303 18.90 3.53 0.41
C LEU B 303 19.40 4.97 0.44
N GLY B 304 18.49 5.93 0.38
CA GLY B 304 18.88 7.34 0.32
C GLY B 304 19.66 7.70 -0.94
N LEU B 305 19.37 7.02 -2.05
CA LEU B 305 20.00 7.34 -3.33
C LEU B 305 19.68 8.78 -3.75
N LYS B 306 20.65 9.42 -4.40
CA LYS B 306 20.48 10.81 -4.81
C LYS B 306 19.67 10.90 -6.10
N PRO B 307 18.53 11.60 -6.05
CA PRO B 307 17.72 11.77 -7.26
C PRO B 307 18.42 12.65 -8.28
N SER B 308 18.13 12.44 -9.57
CA SER B 308 18.50 13.38 -10.60
C SER B 308 17.25 14.15 -11.00
N GLN B 309 17.14 15.38 -10.51
CA GLN B 309 15.97 16.21 -10.77
C GLN B 309 16.06 16.83 -12.16
N TYR B 310 14.97 17.43 -12.61
CA TYR B 310 14.93 18.13 -13.89
C TYR B 310 15.90 19.31 -13.89
N ASP B 311 16.91 19.26 -14.74
CA ASP B 311 17.95 20.28 -14.77
C ASP B 311 18.66 20.31 -16.12
N PRO B 312 18.05 20.98 -17.12
CA PRO B 312 18.59 21.05 -18.48
C PRO B 312 19.99 21.67 -18.50
N GLN B 313 20.21 22.65 -17.63
CA GLN B 313 21.51 23.32 -17.55
C GLN B 313 22.60 22.35 -17.14
N LYS B 314 22.34 21.55 -16.11
CA LYS B 314 23.30 20.57 -15.63
C LYS B 314 23.54 19.50 -16.70
N ALA B 315 22.49 19.10 -17.40
CA ALA B 315 22.63 18.11 -18.46
C ALA B 315 23.54 18.60 -19.58
N LYS B 316 23.32 19.84 -20.03
CA LYS B 316 24.15 20.45 -21.06
C LYS B 316 25.61 20.50 -20.64
N ALA B 317 25.84 20.87 -19.38
CA ALA B 317 27.19 20.99 -18.84
C ALA B 317 27.88 19.62 -18.83
N LEU B 318 27.14 18.58 -18.43
CA LEU B 318 27.67 17.22 -18.45
C LEU B 318 28.04 16.78 -19.86
N LEU B 319 27.19 17.10 -20.82
CA LEU B 319 27.45 16.76 -22.21
C LEU B 319 28.66 17.51 -22.76
N GLU B 320 28.75 18.80 -22.46
CA GLU B 320 29.89 19.60 -22.92
C GLU B 320 31.20 19.06 -22.36
N LYS B 321 31.18 18.66 -21.09
CA LYS B 321 32.37 18.10 -20.46
C LYS B 321 32.82 16.81 -21.15
N ALA B 322 31.85 16.07 -21.68
CA ALA B 322 32.14 14.80 -22.34
C ALA B 322 32.46 14.97 -23.81
N GLY B 323 32.51 16.22 -24.27
CA GLY B 323 32.88 16.48 -25.64
C GLY B 323 31.72 16.53 -26.61
N TRP B 324 30.50 16.52 -26.06
CA TRP B 324 29.31 16.66 -26.89
C TRP B 324 28.95 18.13 -26.98
N THR B 325 29.35 18.76 -28.08
CA THR B 325 29.23 20.20 -28.25
C THR B 325 28.35 20.57 -29.43
N LEU B 326 27.83 21.80 -29.41
CA LEU B 326 26.98 22.29 -30.49
C LEU B 326 27.78 22.99 -31.57
N PRO B 327 27.79 22.41 -32.78
CA PRO B 327 28.38 23.15 -33.90
C PRO B 327 27.56 24.39 -34.21
N ALA B 328 28.19 25.40 -34.80
CA ALA B 328 27.46 26.59 -35.23
C ALA B 328 26.78 26.31 -36.57
N GLY B 329 25.49 26.57 -36.65
CA GLY B 329 24.69 26.98 -35.50
C GLY B 329 23.58 25.97 -35.31
N LYS B 330 23.97 24.69 -35.20
CA LYS B 330 23.03 23.60 -35.08
C LYS B 330 22.55 23.44 -33.64
N ASP B 331 21.50 22.66 -33.43
CA ASP B 331 20.94 22.46 -32.10
C ASP B 331 21.06 21.01 -31.62
N ILE B 332 21.66 20.16 -32.45
CA ILE B 332 21.99 18.81 -32.03
C ILE B 332 23.50 18.67 -31.87
N ARG B 333 23.93 18.23 -30.68
CA ARG B 333 25.34 18.13 -30.36
C ARG B 333 26.05 17.06 -31.18
N GLU B 334 27.37 17.20 -31.27
CA GLU B 334 28.19 16.25 -32.01
C GLU B 334 29.50 15.99 -31.28
N LYS B 335 30.06 14.81 -31.53
CA LYS B 335 31.33 14.40 -30.95
C LYS B 335 32.01 13.42 -31.89
N ASN B 336 33.23 13.75 -32.31
CA ASN B 336 33.98 12.94 -33.26
C ASN B 336 33.23 12.70 -34.57
N GLY B 337 32.52 13.74 -35.03
CA GLY B 337 31.79 13.68 -36.28
C GLY B 337 30.46 12.94 -36.20
N GLN B 338 30.07 12.55 -34.98
CA GLN B 338 28.84 11.81 -34.78
C GLN B 338 27.78 12.66 -34.07
N PRO B 339 26.54 12.59 -34.54
CA PRO B 339 25.47 13.34 -33.88
C PRO B 339 25.03 12.66 -32.59
N LEU B 340 24.53 13.45 -31.64
CA LEU B 340 23.99 12.90 -30.42
C LEU B 340 22.56 12.44 -30.73
N ARG B 341 22.47 11.32 -31.44
CA ARG B 341 21.19 10.77 -31.87
C ARG B 341 20.97 9.44 -31.17
N ILE B 342 19.80 9.30 -30.55
CA ILE B 342 19.48 8.12 -29.78
C ILE B 342 18.12 7.58 -30.23
N GLU B 343 18.08 6.29 -30.56
CA GLU B 343 16.85 5.65 -31.00
C GLU B 343 16.00 5.21 -29.80
N LEU B 344 14.75 5.66 -29.79
CA LEU B 344 13.77 5.21 -28.80
C LEU B 344 12.78 4.32 -29.51
N SER B 345 12.89 3.01 -29.29
CA SER B 345 12.02 2.07 -29.96
C SER B 345 10.88 1.68 -29.04
N PHE B 346 9.66 1.70 -29.56
CA PHE B 346 8.49 1.42 -28.75
C PHE B 346 7.42 0.78 -29.62
N ILE B 347 6.39 0.27 -28.99
CA ILE B 347 5.23 -0.29 -29.69
C ILE B 347 4.42 0.85 -30.28
N GLY B 348 4.45 0.94 -31.61
CA GLY B 348 3.93 2.11 -32.31
C GLY B 348 2.46 2.38 -32.10
N THR B 349 1.68 1.33 -31.89
CA THR B 349 0.24 1.45 -31.75
C THR B 349 -0.18 1.72 -30.31
N ASP B 350 0.78 1.66 -29.38
CA ASP B 350 0.50 1.99 -27.99
C ASP B 350 0.50 3.50 -27.80
N ALA B 351 -0.70 4.06 -27.66
CA ALA B 351 -0.90 5.50 -27.62
C ALA B 351 -0.20 6.16 -26.44
N LEU B 352 -0.13 5.46 -25.32
CA LEU B 352 0.48 6.03 -24.12
C LEU B 352 2.00 6.09 -24.30
N SER B 353 2.57 5.02 -24.85
CA SER B 353 4.00 4.98 -25.16
C SER B 353 4.40 6.08 -26.13
N LYS B 354 3.62 6.21 -27.21
CA LYS B 354 3.89 7.23 -28.21
C LYS B 354 3.84 8.64 -27.63
N SER B 355 2.85 8.89 -26.77
CA SER B 355 2.70 10.21 -26.15
C SER B 355 3.89 10.52 -25.25
N MET B 356 4.27 9.56 -24.42
CA MET B 356 5.44 9.75 -23.56
C MET B 356 6.71 9.91 -24.39
N ALA B 357 6.83 9.12 -25.46
CA ALA B 357 8.00 9.20 -26.33
C ALA B 357 8.15 10.58 -26.97
N GLU B 358 7.03 11.19 -27.35
CA GLU B 358 7.06 12.52 -27.96
C GLU B 358 7.55 13.57 -26.98
N ILE B 359 7.04 13.50 -25.75
CA ILE B 359 7.43 14.42 -24.69
C ILE B 359 8.91 14.25 -24.36
N ILE B 360 9.33 13.00 -24.22
CA ILE B 360 10.73 12.70 -23.95
C ILE B 360 11.63 13.26 -25.05
N GLN B 361 11.23 13.06 -26.31
CA GLN B 361 11.97 13.61 -27.44
C GLN B 361 12.08 15.12 -27.35
N ALA B 362 10.97 15.78 -27.02
CA ALA B 362 10.95 17.24 -26.90
C ALA B 362 11.90 17.73 -25.81
N ASP B 363 11.84 17.09 -24.64
CA ASP B 363 12.70 17.47 -23.53
C ASP B 363 14.16 17.26 -23.86
N MET B 364 14.50 16.13 -24.47
CA MET B 364 15.90 15.84 -24.76
C MET B 364 16.43 16.71 -25.89
N ARG B 365 15.53 17.18 -26.77
CA ARG B 365 15.95 18.08 -27.83
C ARG B 365 16.46 19.38 -27.23
N GLN B 366 15.93 19.74 -26.07
CA GLN B 366 16.28 20.98 -25.38
C GLN B 366 17.71 20.95 -24.83
N ILE B 367 18.28 19.75 -24.65
CA ILE B 367 19.68 19.67 -24.22
C ILE B 367 20.58 19.29 -25.39
N GLY B 368 20.03 19.27 -26.61
CA GLY B 368 20.81 18.99 -27.79
C GLY B 368 20.95 17.53 -28.16
N ALA B 369 20.06 16.69 -27.64
CA ALA B 369 20.03 15.28 -28.00
C ALA B 369 18.83 15.02 -28.90
N ASP B 370 19.09 14.34 -30.02
CA ASP B 370 18.08 14.07 -31.03
C ASP B 370 17.54 12.66 -30.87
N VAL B 371 16.34 12.53 -30.29
CA VAL B 371 15.74 11.22 -30.10
C VAL B 371 14.98 10.79 -31.35
N SER B 372 15.33 9.64 -31.88
CA SER B 372 14.62 9.07 -33.02
C SER B 372 13.45 8.22 -32.51
N LEU B 373 12.22 8.60 -32.86
CA LEU B 373 11.06 7.81 -32.48
C LEU B 373 10.87 6.62 -33.43
N ILE B 374 11.22 5.43 -32.96
CA ILE B 374 11.09 4.21 -33.75
C ILE B 374 9.89 3.40 -33.29
N GLY B 375 8.71 3.67 -33.85
CA GLY B 375 7.51 2.91 -33.54
C GLY B 375 7.45 1.65 -34.38
N GLU B 376 7.25 0.50 -33.72
CA GLU B 376 7.25 -0.79 -34.41
C GLU B 376 6.20 -1.73 -33.87
N GLU B 377 6.02 -2.87 -34.55
CA GLU B 377 5.10 -3.89 -34.08
C GLU B 377 5.68 -4.56 -32.83
N GLU B 378 4.81 -5.05 -31.95
CA GLU B 378 5.21 -5.60 -30.67
C GLU B 378 6.24 -6.73 -30.79
N SER B 379 6.07 -7.57 -31.80
CA SER B 379 6.99 -8.70 -31.99
C SER B 379 8.39 -8.18 -32.31
N SER B 380 8.46 -7.07 -33.04
CA SER B 380 9.75 -6.46 -33.38
C SER B 380 10.43 -5.87 -32.15
N ILE B 381 9.64 -5.21 -31.30
CA ILE B 381 10.15 -4.64 -30.05
C ILE B 381 10.65 -5.75 -29.15
N TYR B 382 9.89 -6.84 -29.08
CA TYR B 382 10.29 -8.01 -28.31
C TYR B 382 11.64 -8.52 -28.75
N ALA B 383 11.80 -8.66 -30.07
CA ALA B 383 13.05 -9.16 -30.64
C ALA B 383 14.21 -8.21 -30.34
N ARG B 384 13.94 -6.91 -30.39
CA ARG B 384 14.94 -5.90 -30.07
C ARG B 384 15.47 -6.07 -28.64
N GLN B 385 14.56 -6.21 -27.69
CA GLN B 385 14.92 -6.39 -26.29
C GLN B 385 15.81 -7.60 -26.09
N ARG B 386 15.43 -8.70 -26.73
CA ARG B 386 16.16 -9.95 -26.63
C ARG B 386 17.56 -9.85 -27.24
N ASP B 387 17.67 -9.12 -28.35
CA ASP B 387 18.92 -9.02 -29.09
C ASP B 387 19.83 -7.88 -28.66
N GLY B 388 19.29 -6.93 -27.90
CA GLY B 388 20.04 -5.74 -27.52
C GLY B 388 20.05 -4.72 -28.65
N ARG B 389 19.16 -4.91 -29.61
CA ARG B 389 19.06 -4.01 -30.75
CA ARG B 389 19.02 -4.03 -30.76
C ARG B 389 18.21 -2.78 -30.39
N PHE B 390 18.72 -1.98 -29.46
CA PHE B 390 18.04 -0.75 -29.06
C PHE B 390 18.98 0.27 -28.43
N GLY B 391 18.57 1.54 -28.48
CA GLY B 391 19.25 2.59 -27.74
C GLY B 391 18.53 2.84 -26.42
N MET B 392 17.27 3.22 -26.52
CA MET B 392 16.40 3.34 -25.34
C MET B 392 15.11 2.59 -25.59
N ILE B 393 14.59 1.94 -24.56
CA ILE B 393 13.28 1.28 -24.65
C ILE B 393 12.47 1.63 -23.42
N PHE B 394 11.15 1.60 -23.54
CA PHE B 394 10.30 1.63 -22.33
C PHE B 394 10.42 0.31 -21.59
N HIS B 395 10.34 0.37 -20.27
CA HIS B 395 10.49 -0.82 -19.45
C HIS B 395 9.73 -0.63 -18.15
N ARG B 396 9.56 -1.69 -17.39
CA ARG B 396 8.86 -1.58 -16.12
C ARG B 396 9.30 -2.67 -15.18
N THR B 397 9.20 -2.41 -13.87
CA THR B 397 9.48 -3.45 -12.90
C THR B 397 8.19 -4.24 -12.73
N TRP B 398 8.20 -5.20 -11.81
CA TRP B 398 7.22 -6.28 -11.89
C TRP B 398 6.18 -6.28 -10.76
N GLY B 399 6.38 -5.41 -9.77
CA GLY B 399 5.48 -5.35 -8.63
C GLY B 399 5.71 -6.47 -7.62
N ALA B 400 4.98 -6.44 -6.51
CA ALA B 400 5.08 -7.49 -5.50
C ALA B 400 4.54 -8.79 -6.06
N PRO B 401 5.12 -9.94 -5.68
CA PRO B 401 6.28 -10.11 -4.81
C PRO B 401 7.60 -10.18 -5.56
N TYR B 402 7.60 -9.75 -6.81
CA TYR B 402 8.80 -9.81 -7.64
C TYR B 402 9.86 -8.78 -7.28
N ASP B 403 9.42 -7.59 -6.88
CA ASP B 403 10.36 -6.49 -6.67
C ASP B 403 10.87 -6.49 -5.23
N PRO B 404 12.20 -6.46 -5.04
CA PRO B 404 13.22 -6.35 -6.08
C PRO B 404 13.89 -7.68 -6.46
N HIS B 405 13.74 -8.72 -5.65
CA HIS B 405 14.63 -9.88 -5.77
C HIS B 405 14.51 -10.60 -7.13
N ALA B 406 13.27 -10.79 -7.61
CA ALA B 406 13.06 -11.54 -8.85
C ALA B 406 13.44 -10.70 -10.07
N PHE B 407 13.16 -9.41 -9.99
CA PHE B 407 13.58 -8.50 -11.05
C PHE B 407 15.10 -8.48 -11.18
N LEU B 408 15.79 -8.45 -10.03
CA LEU B 408 17.25 -8.50 -10.02
C LEU B 408 17.72 -9.85 -10.56
N SER B 409 17.11 -10.93 -10.09
CA SER B 409 17.52 -12.26 -10.53
C SER B 409 17.51 -12.38 -12.05
N SER B 410 16.47 -11.83 -12.68
CA SER B 410 16.34 -11.99 -14.12
C SER B 410 17.33 -11.14 -14.91
N MET B 411 18.00 -10.19 -14.26
CA MET B 411 19.01 -9.38 -14.93
C MET B 411 20.20 -10.23 -15.41
N ARG B 412 20.33 -11.42 -14.85
CA ARG B 412 21.44 -12.31 -15.18
C ARG B 412 21.17 -13.12 -16.44
N VAL B 413 19.93 -13.10 -16.93
CA VAL B 413 19.54 -13.92 -18.08
C VAL B 413 19.86 -13.24 -19.42
N PRO B 414 20.72 -13.87 -20.23
CA PRO B 414 21.24 -13.29 -21.47
C PRO B 414 20.21 -12.74 -22.46
N SER B 415 19.05 -13.39 -22.57
CA SER B 415 18.09 -12.98 -23.60
C SER B 415 17.13 -11.89 -23.12
N HIS B 416 17.42 -11.30 -21.97
CA HIS B 416 16.54 -10.30 -21.37
C HIS B 416 17.01 -8.85 -21.60
N ALA B 417 16.05 -7.93 -21.67
CA ALA B 417 16.34 -6.52 -21.91
C ALA B 417 17.32 -5.93 -20.89
N ASP B 418 17.15 -6.27 -19.62
CA ASP B 418 18.02 -5.70 -18.58
C ASP B 418 19.45 -6.20 -18.73
N PHE B 419 19.58 -7.49 -19.04
CA PHE B 419 20.91 -8.06 -19.28
C PHE B 419 21.58 -7.32 -20.43
N GLN B 420 20.82 -7.13 -21.51
CA GLN B 420 21.34 -6.48 -22.71
C GLN B 420 21.72 -5.04 -22.45
N ALA B 421 20.86 -4.32 -21.72
CA ALA B 421 21.10 -2.92 -21.42
C ALA B 421 22.34 -2.71 -20.56
N GLN B 422 22.66 -3.71 -19.74
CA GLN B 422 23.78 -3.61 -18.78
C GLN B 422 25.12 -4.15 -19.31
N GLN B 423 25.14 -4.62 -20.56
CA GLN B 423 26.31 -5.32 -21.10
C GLN B 423 27.56 -4.45 -21.25
N GLY B 424 27.36 -3.13 -21.29
CA GLY B 424 28.46 -2.20 -21.45
C GLY B 424 29.05 -1.73 -20.14
N LEU B 425 28.55 -2.28 -19.03
CA LEU B 425 29.06 -1.92 -17.72
C LEU B 425 30.28 -2.74 -17.34
N ALA B 426 31.34 -2.06 -16.92
CA ALA B 426 32.56 -2.74 -16.52
C ALA B 426 32.27 -3.67 -15.34
N ASP B 427 31.32 -3.28 -14.49
CA ASP B 427 31.02 -4.09 -13.32
C ASP B 427 29.80 -5.00 -13.46
N LYS B 428 29.32 -5.21 -14.68
CA LYS B 428 28.21 -6.16 -14.90
C LYS B 428 28.52 -7.57 -14.36
N PRO B 429 29.74 -8.10 -14.59
CA PRO B 429 30.06 -9.40 -14.01
C PRO B 429 29.93 -9.41 -12.48
N LEU B 430 30.46 -8.38 -11.83
CA LEU B 430 30.37 -8.28 -10.38
C LEU B 430 28.92 -8.15 -9.94
N ILE B 431 28.15 -7.34 -10.66
CA ILE B 431 26.73 -7.15 -10.32
C ILE B 431 25.97 -8.48 -10.37
N ASP B 432 26.19 -9.27 -11.43
CA ASP B 432 25.52 -10.56 -11.56
C ASP B 432 25.96 -11.55 -10.50
N LYS B 433 27.24 -11.51 -10.15
CA LYS B 433 27.73 -12.38 -9.08
C LYS B 433 27.04 -12.03 -7.75
N GLU B 434 26.90 -10.74 -7.48
CA GLU B 434 26.30 -10.29 -6.23
C GLU B 434 24.80 -10.56 -6.19
N ILE B 435 24.15 -10.54 -7.35
CA ILE B 435 22.75 -10.91 -7.43
C ILE B 435 22.60 -12.39 -7.06
N GLY B 436 23.51 -13.21 -7.55
CA GLY B 436 23.52 -14.61 -7.15
C GLY B 436 23.67 -14.76 -5.65
N GLU B 437 24.61 -13.99 -5.09
CA GLU B 437 24.91 -14.07 -3.67
C GLU B 437 23.76 -13.60 -2.80
N VAL B 438 23.10 -12.53 -3.21
CA VAL B 438 22.06 -11.93 -2.37
C VAL B 438 20.86 -12.88 -2.24
N LEU B 439 20.63 -13.68 -3.27
CA LEU B 439 19.51 -14.63 -3.26
C LEU B 439 19.79 -15.82 -2.35
N ALA B 440 21.07 -16.12 -2.15
CA ALA B 440 21.46 -17.37 -1.48
C ALA B 440 22.00 -17.18 -0.06
N THR B 441 22.45 -15.98 0.27
CA THR B 441 23.10 -15.77 1.56
C THR B 441 22.12 -15.94 2.73
N HIS B 442 22.62 -16.51 3.83
CA HIS B 442 21.84 -16.68 5.04
C HIS B 442 22.08 -15.50 5.97
N ASP B 443 23.09 -14.70 5.61
CA ASP B 443 23.50 -13.53 6.37
C ASP B 443 22.64 -12.34 5.99
N GLU B 444 21.67 -11.99 6.83
CA GLU B 444 20.75 -10.90 6.54
CA GLU B 444 20.75 -10.90 6.55
C GLU B 444 21.47 -9.55 6.45
N THR B 445 22.52 -9.39 7.25
CA THR B 445 23.32 -8.17 7.21
C THR B 445 24.00 -8.06 5.85
N GLN B 446 24.58 -9.17 5.40
CA GLN B 446 25.20 -9.22 4.09
C GLN B 446 24.16 -9.06 3.00
N ARG B 447 22.96 -9.60 3.20
CA ARG B 447 21.90 -9.47 2.21
CA ARG B 447 21.91 -9.48 2.20
C ARG B 447 21.61 -8.01 1.92
N GLN B 448 21.43 -7.22 2.97
CA GLN B 448 21.14 -5.79 2.82
C GLN B 448 22.33 -5.05 2.19
N ALA B 449 23.54 -5.43 2.56
CA ALA B 449 24.73 -4.80 1.98
C ALA B 449 24.81 -5.05 0.48
N LEU B 450 24.47 -6.27 0.07
CA LEU B 450 24.51 -6.64 -1.34
C LEU B 450 23.44 -5.90 -2.14
N TYR B 451 22.23 -5.82 -1.59
CA TYR B 451 21.18 -5.05 -2.25
C TYR B 451 21.60 -3.59 -2.39
N ARG B 452 22.17 -3.01 -1.33
CA ARG B 452 22.61 -1.63 -1.44
C ARG B 452 23.63 -1.50 -2.56
N ASP B 453 24.58 -2.42 -2.62
CA ASP B 453 25.64 -2.31 -3.61
C ASP B 453 25.10 -2.45 -5.05
N ILE B 454 24.24 -3.45 -5.26
CA ILE B 454 23.65 -3.67 -6.58
C ILE B 454 22.82 -2.48 -7.02
N LEU B 455 21.90 -2.04 -6.16
CA LEU B 455 21.01 -0.95 -6.54
C LEU B 455 21.75 0.38 -6.67
N THR B 456 22.79 0.58 -5.86
CA THR B 456 23.52 1.84 -5.93
C THR B 456 24.35 1.88 -7.20
N ARG B 457 24.98 0.76 -7.56
CA ARG B 457 25.72 0.69 -8.82
C ARG B 457 24.82 0.98 -10.04
N LEU B 458 23.66 0.32 -10.09
CA LEU B 458 22.74 0.53 -11.20
C LEU B 458 22.27 1.99 -11.26
N HIS B 459 22.04 2.58 -10.08
CA HIS B 459 21.66 3.99 -10.00
C HIS B 459 22.78 4.90 -10.48
N ASP B 460 23.98 4.68 -9.93
CA ASP B 460 25.14 5.53 -10.27
C ASP B 460 25.51 5.45 -11.74
N GLU B 461 25.33 4.28 -12.34
CA GLU B 461 25.72 4.06 -13.73
CA GLU B 461 25.74 4.11 -13.72
C GLU B 461 24.63 4.52 -14.70
N ALA B 462 23.51 5.00 -14.15
CA ALA B 462 22.42 5.54 -14.94
C ALA B 462 21.97 4.60 -16.04
N VAL B 463 21.80 3.34 -15.69
CA VAL B 463 21.32 2.33 -16.63
C VAL B 463 19.86 2.60 -16.97
N TYR B 464 19.12 3.11 -16.00
CA TYR B 464 17.70 3.38 -16.20
C TYR B 464 17.40 4.88 -16.14
N LEU B 465 16.28 5.25 -16.73
CA LEU B 465 15.73 6.58 -16.57
C LEU B 465 14.34 6.40 -15.96
N PRO B 466 14.27 6.40 -14.62
CA PRO B 466 12.99 6.20 -13.92
C PRO B 466 12.03 7.32 -14.27
N ILE B 467 10.78 6.96 -14.57
CA ILE B 467 9.83 7.97 -14.98
C ILE B 467 8.74 8.13 -13.94
N SER B 468 8.06 7.05 -13.62
CA SER B 468 6.90 7.10 -12.74
CA SER B 468 6.93 7.11 -12.71
C SER B 468 6.71 5.82 -11.92
N TYR B 469 6.12 5.97 -10.73
CA TYR B 469 5.63 4.81 -9.98
C TYR B 469 4.16 4.78 -10.28
N ILE B 470 3.72 3.73 -10.97
CA ILE B 470 2.36 3.71 -11.47
C ILE B 470 1.46 2.91 -10.53
N SER B 471 0.16 3.14 -10.64
CA SER B 471 -0.81 2.49 -9.78
C SER B 471 -1.74 1.59 -10.58
N MET B 472 -2.45 0.72 -9.88
CA MET B 472 -3.56 0.01 -10.48
C MET B 472 -4.75 0.94 -10.54
N MET B 473 -5.53 0.86 -11.62
CA MET B 473 -6.73 1.67 -11.68
CA MET B 473 -6.71 1.69 -11.84
C MET B 473 -7.95 0.81 -11.92
N VAL B 474 -9.09 1.32 -11.45
CA VAL B 474 -10.35 0.61 -11.54
C VAL B 474 -11.42 1.57 -12.03
N VAL B 475 -12.27 1.07 -12.93
CA VAL B 475 -13.50 1.75 -13.29
C VAL B 475 -14.60 0.71 -13.20
N SER B 476 -15.67 1.02 -12.47
CA SER B 476 -16.72 0.03 -12.24
C SER B 476 -18.09 0.65 -12.11
N LYS B 477 -19.12 -0.15 -12.41
CA LYS B 477 -20.48 0.26 -12.11
C LYS B 477 -20.61 0.35 -10.59
N PRO B 478 -21.22 1.44 -10.09
CA PRO B 478 -21.35 1.63 -8.65
C PRO B 478 -21.91 0.41 -7.91
N GLU B 479 -22.84 -0.32 -8.53
CA GLU B 479 -23.47 -1.46 -7.87
C GLU B 479 -22.49 -2.57 -7.46
N LEU B 480 -21.31 -2.61 -8.07
CA LEU B 480 -20.31 -3.62 -7.72
C LEU B 480 -19.57 -3.28 -6.43
N GLY B 481 -19.68 -2.05 -5.98
CA GLY B 481 -19.05 -1.66 -4.73
C GLY B 481 -17.57 -1.38 -4.83
N ASN B 482 -16.93 -1.28 -3.67
CA ASN B 482 -15.48 -1.15 -3.57
C ASN B 482 -14.82 -2.37 -4.20
N ILE B 483 -13.89 -2.15 -5.12
CA ILE B 483 -13.20 -3.24 -5.77
C ILE B 483 -11.83 -3.42 -5.13
N PRO B 484 -11.57 -4.62 -4.57
CA PRO B 484 -10.30 -4.85 -3.85
C PRO B 484 -9.11 -5.08 -4.75
N TYR B 485 -7.91 -4.89 -4.20
CA TYR B 485 -6.68 -5.20 -4.93
C TYR B 485 -6.06 -6.48 -4.40
N ALA B 486 -5.41 -7.24 -5.27
CA ALA B 486 -4.67 -8.42 -4.85
C ALA B 486 -3.28 -8.04 -4.39
N PRO B 487 -2.72 -8.78 -3.40
CA PRO B 487 -1.33 -8.61 -2.98
C PRO B 487 -0.34 -8.73 -4.14
N ILE B 488 -0.56 -9.71 -5.01
CA ILE B 488 0.27 -9.87 -6.19
C ILE B 488 -0.22 -8.93 -7.29
N ALA B 489 0.67 -8.07 -7.76
CA ALA B 489 0.29 -6.99 -8.66
C ALA B 489 -0.33 -7.47 -9.98
N THR B 490 0.01 -8.67 -10.42
CA THR B 490 -0.47 -9.20 -11.69
CA THR B 490 -0.49 -9.14 -11.71
C THR B 490 -1.75 -10.00 -11.56
N GLU B 491 -2.24 -10.17 -10.33
CA GLU B 491 -3.47 -10.91 -10.12
C GLU B 491 -4.64 -9.96 -9.94
N ILE B 492 -5.85 -10.47 -10.19
CA ILE B 492 -7.07 -9.71 -10.03
C ILE B 492 -8.03 -10.51 -9.14
N PRO B 493 -8.38 -9.95 -7.97
CA PRO B 493 -9.09 -10.73 -6.95
C PRO B 493 -10.59 -10.82 -7.19
N PHE B 494 -10.98 -11.40 -8.32
CA PHE B 494 -12.39 -11.50 -8.68
C PHE B 494 -13.23 -12.18 -7.60
N GLU B 495 -12.63 -13.10 -6.86
CA GLU B 495 -13.36 -13.85 -5.84
C GLU B 495 -13.67 -13.01 -4.61
N GLN B 496 -13.10 -11.80 -4.54
CA GLN B 496 -13.31 -10.91 -3.40
C GLN B 496 -14.40 -9.87 -3.68
N ILE B 497 -14.93 -9.88 -4.91
CA ILE B 497 -15.92 -8.91 -5.30
C ILE B 497 -17.33 -9.35 -4.88
N LYS B 498 -18.03 -8.46 -4.16
CA LYS B 498 -19.40 -8.72 -3.74
C LYS B 498 -20.31 -7.51 -4.03
N PRO B 499 -20.88 -7.46 -5.23
FE FE C . -8.47 7.65 19.57
CAR 9YH D . -5.33 6.73 16.97
CAS 9YH D . -6.63 7.12 17.28
OAY 9YH D . -6.82 7.77 18.45
CAQ 9YH D . -5.09 6.06 15.78
CAE 9YH D . -6.16 5.80 14.92
CAF 9YH D . -7.45 6.21 15.24
CAG 9YH D . -7.70 6.87 16.43
CAH 9YH D . -9.01 7.28 16.73
N 9YH D . -9.48 6.77 18.03
CA 9YH D . -9.52 5.30 17.98
C 9YH D . -9.17 4.75 19.37
OXT 9YH D . -9.42 3.54 19.59
O 9YH D . -8.67 5.54 20.18
CAJ 9YH D . -10.86 7.28 18.24
CAK 9YH D . -11.21 7.33 19.72
NAL 9YH D . -10.41 8.37 20.40
CAT 9YH D . -10.29 8.02 21.82
CAZ 9YH D . -8.83 8.08 22.25
OBD 9YH D . -7.95 8.09 21.36
OBA 9YH D . -8.61 8.12 23.49
CAM 9YH D . -11.15 9.64 20.22
CAN 9YH D . -10.41 10.73 20.65
CAO 9YH D . -10.90 11.54 21.68
CAP 9YH D . -10.16 12.65 22.11
CAW 9YH D . -8.95 12.94 21.51
CAV 9YH D . -8.45 12.14 20.48
CAU 9YH D . -9.20 11.04 20.05
SBB 9YH D . -8.60 10.03 18.78
CBE 9YH D . -7.53 11.15 17.90
S1 DTT E . 2.64 7.81 19.42
C1 DTT E . 3.84 6.88 18.42
C2 DTT E . 4.14 7.46 17.04
O2 DTT E . 4.30 6.44 16.08
C3 DTT E . 5.36 8.37 17.02
O3 DTT E . 4.89 9.69 16.90
C4 DTT E . 6.24 8.25 18.25
S4 DTT E . 7.29 6.77 18.30
C1 GOL F . 0.87 5.54 15.32
O1 GOL F . 2.19 5.12 15.02
C2 GOL F . -0.06 5.15 14.17
O2 GOL F . -1.40 5.40 14.53
C3 GOL F . 0.29 5.96 12.93
O3 GOL F . -0.01 7.33 13.11
CL CL G . 3.36 34.15 17.31
C ACT H . -13.96 -8.86 41.82
O ACT H . -13.56 -8.74 40.64
OXT ACT H . -13.27 -8.28 42.69
CH3 ACT H . -15.20 -9.63 42.14
C1 GOL I . 28.14 3.67 11.95
O1 GOL I . 27.85 5.03 11.78
C2 GOL I . 29.03 3.20 10.80
O2 GOL I . 28.24 2.77 9.71
C3 GOL I . 29.92 2.06 11.26
O3 GOL I . 29.67 1.77 12.62
C1 GOL J . 2.59 -12.28 33.54
O1 GOL J . 3.97 -12.23 33.82
C2 GOL J . 1.89 -11.22 34.36
O2 GOL J . 2.86 -10.43 35.01
C3 GOL J . 1.02 -11.90 35.42
O3 GOL J . 1.53 -11.61 36.70
C1 GOL K . -22.47 -10.22 3.67
O1 GOL K . -22.08 -8.92 4.09
C2 GOL K . -23.30 -10.11 2.40
O2 GOL K . -22.48 -9.75 1.32
C3 GOL K . -23.98 -11.45 2.10
O3 GOL K . -23.01 -12.48 2.12
C1 GOL L . -26.72 -5.10 25.35
O1 GOL L . -26.31 -4.27 24.28
C2 GOL L . -25.63 -6.12 25.65
O2 GOL L . -25.96 -7.32 24.99
C3 GOL L . -25.56 -6.36 27.15
O3 GOL L . -26.65 -7.15 27.59
C1 GOL M . -20.45 34.15 5.72
O1 GOL M . -21.75 33.62 5.54
C2 GOL M . -19.57 33.75 4.54
O2 GOL M . -20.37 33.57 3.39
C3 GOL M . -18.88 32.44 4.88
O3 GOL M . -18.73 31.74 3.68
C ACT N . -1.79 8.11 24.34
O ACT N . -2.63 8.12 23.42
OXT ACT N . -2.16 7.58 25.41
CH3 ACT N . -0.42 8.69 24.17
FE FE O . 7.15 -12.24 -17.87
CAR 9YH P . 4.48 -9.62 -16.16
CAS 9YH P . 5.71 -10.26 -16.25
OAY 9YH P . 6.05 -10.77 -17.46
CAQ 9YH P . 4.11 -9.10 -14.93
CAE 9YH P . 4.96 -9.22 -13.83
CAF 9YH P . 6.18 -9.87 -13.94
CAG 9YH P . 6.56 -10.40 -15.16
CAH 9YH P . 7.81 -11.03 -15.22
N 9YH P . 7.80 -12.38 -15.78
CA 9YH P . 6.95 -13.25 -14.96
C 9YH P . 6.18 -14.23 -15.86
OXT 9YH P . 5.67 -15.22 -15.29
O 9YH P . 6.12 -13.96 -17.08
CAJ 9YH P . 9.18 -12.87 -15.72
CAK 9YH P . 9.41 -13.96 -16.76
NAL 9YH P . 9.15 -13.44 -18.10
CAT 9YH P . 8.81 -14.59 -18.94
CAZ 9YH P . 7.78 -14.17 -19.97
OBD 9YH P . 7.70 -14.87 -21.01
OBA 9YH P . 7.10 -13.15 -19.71
CAM 9YH P . 10.38 -12.75 -18.54
CAN 9YH P . 10.24 -12.09 -19.76
CAO 9YH P . 10.92 -12.59 -20.88
CAP 9YH P . 10.81 -11.96 -22.11
CAW 9YH P . 10.03 -10.81 -22.25
CAV 9YH P . 9.36 -10.31 -21.13
CAU 9YH P . 9.46 -10.94 -19.90
SBB 9YH P . 8.61 -10.27 -18.54
CBE 9YH P . 7.83 -8.86 -19.32
C1 GOL Q . 0.34 -4.46 -13.60
O1 GOL Q . 1.20 -3.89 -14.57
C2 GOL Q . -0.17 -5.82 -14.06
O2 GOL Q . 0.90 -6.73 -14.20
C3 GOL Q . -0.90 -5.67 -15.39
O3 GOL Q . -2.10 -4.95 -15.19
C1 GOL R . -1.84 -10.69 -16.99
O1 GOL R . -1.77 -10.78 -15.59
C2 GOL R . -0.66 -9.88 -17.55
O2 GOL R . 0.23 -9.52 -16.53
C3 GOL R . 0.08 -10.71 -18.60
O3 GOL R . 0.35 -12.00 -18.09
S1 DTT S . -1.89 -6.13 -20.40
C1 DTT S . -1.64 -4.60 -19.46
C2 DTT S . -2.81 -3.62 -19.61
O2 DTT S . -2.33 -2.29 -19.61
C3 DTT S . -3.81 -3.80 -18.49
O3 DTT S . -3.19 -3.60 -17.24
C4 DTT S . -4.96 -2.81 -18.65
S4 DTT S . -6.15 -3.37 -19.88
C ACT T . 3.98 -23.46 9.10
O ACT T . 3.21 -22.54 8.75
OXT ACT T . 3.54 -24.62 8.98
CH3 ACT T . 5.35 -23.18 9.65
C ACT U . 34.76 -2.13 -8.46
O ACT U . 33.89 -1.24 -8.41
OXT ACT U . 34.54 -3.16 -7.80
CH3 ACT U . 36.01 -1.96 -9.28
C ACT V . -3.39 -30.99 -31.16
O ACT V . -4.49 -31.42 -31.53
OXT ACT V . -3.41 -30.25 -30.14
CH3 ACT V . -2.12 -31.30 -31.90
C1 GOL W . -10.06 -1.85 -2.18
O1 GOL W . -9.68 -1.11 -3.32
C2 GOL W . -9.35 -1.34 -0.95
O2 GOL W . -10.20 -1.56 0.16
C3 GOL W . -8.05 -2.12 -0.79
O3 GOL W . -8.03 -3.26 -1.63
#